data_3FYY
#
_entry.id   3FYY
#
_cell.length_a   121.162
_cell.length_b   121.162
_cell.length_c   120.876
_cell.angle_alpha   90.00
_cell.angle_beta   90.00
_cell.angle_gamma   90.00
#
_symmetry.space_group_name_H-M   'I 4'
#
loop_
_entity.id
_entity.type
_entity.pdbx_description
1 polymer 'Muconate cycloisomerase'
2 non-polymer 'MAGNESIUM ION'
3 water water
#
_entity_poly.entity_id   1
_entity_poly.type   'polypeptide(L)'
_entity_poly.pdbx_seq_one_letter_code
;MKITDLELHAVGIPRHTGFVNKHVIVKIHTDEGLTGIGEMSDFSHLPLYSVDLHDLKQGLLSILLGQNPFDLMKINKELT
DNFPETMYYYEKGSFIRNGIDNALHDLCAKYLDISVSDFLGGRVKEKIKVCYPIFRHRFSEEVESNLDVVRQKLEQGFDV
FRLYVGKNLDADEEFLSRVKEEFGSRVRIKSYDFSHLLNWKDAHRAIKRLTKYDLGLEMIESPAPRNDFDGLYQLRLKTD
YPISEHVWSFKQQQEMIKKDAIDIFNISPVFIGGLTSAKKAAYAAEVASKDVVLGTTQELSVGTAAMAHLGCSLTNINHT
SDPTGPELYVGDVVKNRVTYKDGYLYAPDRSVKGLGIELDESLLAKYQVPDLSWDNVTVHQLQDRTADTKS
;
_entity_poly.pdbx_strand_id   A,B
#
loop_
_chem_comp.id
_chem_comp.type
_chem_comp.name
_chem_comp.formula
MG non-polymer 'MAGNESIUM ION' 'Mg 2'
#
# COMPACT_ATOMS: atom_id res chain seq x y z
N MET A 1 -9.08 8.50 -32.97
CA MET A 1 -7.79 8.21 -32.27
C MET A 1 -8.07 7.21 -31.15
N LYS A 2 -7.62 5.97 -31.29
CA LYS A 2 -7.89 4.98 -30.27
C LYS A 2 -6.73 4.04 -29.97
N ILE A 3 -6.64 3.63 -28.71
CA ILE A 3 -5.61 2.72 -28.25
C ILE A 3 -5.93 1.31 -28.74
N THR A 4 -5.00 0.70 -29.45
CA THR A 4 -5.19 -0.63 -30.00
C THR A 4 -4.35 -1.73 -29.35
N ASP A 5 -3.26 -1.36 -28.69
CA ASP A 5 -2.43 -2.36 -28.06
C ASP A 5 -1.51 -1.76 -27.01
N LEU A 6 -0.90 -2.64 -26.22
CA LEU A 6 -0.01 -2.24 -25.15
C LEU A 6 1.13 -3.24 -25.00
N GLU A 7 2.33 -2.72 -24.78
CA GLU A 7 3.51 -3.57 -24.59
C GLU A 7 4.23 -3.18 -23.32
N LEU A 8 4.71 -4.18 -22.58
CA LEU A 8 5.45 -3.94 -21.35
C LEU A 8 6.76 -4.70 -21.46
N HIS A 9 7.87 -3.97 -21.47
CA HIS A 9 9.20 -4.57 -21.58
C HIS A 9 9.96 -4.42 -20.27
N ALA A 10 10.21 -5.54 -19.61
CA ALA A 10 10.95 -5.52 -18.35
C ALA A 10 12.44 -5.46 -18.64
N VAL A 11 13.13 -4.54 -17.99
CA VAL A 11 14.56 -4.41 -18.19
C VAL A 11 15.25 -4.27 -16.85
N GLY A 12 16.50 -4.72 -16.79
CA GLY A 12 17.26 -4.62 -15.57
C GLY A 12 18.59 -3.97 -15.92
N ILE A 13 18.79 -2.76 -15.44
CA ILE A 13 20.02 -2.03 -15.73
C ILE A 13 20.84 -1.84 -14.46
N PRO A 14 22.06 -2.39 -14.45
CA PRO A 14 22.89 -2.24 -13.25
C PRO A 14 23.37 -0.82 -13.03
N ARG A 15 23.57 -0.49 -11.77
CA ARG A 15 24.10 0.80 -11.40
C ARG A 15 25.60 0.59 -11.42
N HIS A 16 26.38 1.67 -11.41
CA HIS A 16 27.83 1.54 -11.42
C HIS A 16 28.28 0.74 -10.19
N THR A 17 27.45 0.76 -9.15
CA THR A 17 27.76 0.06 -7.90
C THR A 17 27.45 -1.44 -7.94
N GLY A 18 26.67 -1.87 -8.92
CA GLY A 18 26.39 -3.30 -9.02
C GLY A 18 24.93 -3.73 -8.93
N PHE A 19 24.13 -3.02 -8.15
CA PHE A 19 22.73 -3.40 -8.02
C PHE A 19 21.99 -3.20 -9.33
N VAL A 20 21.17 -4.20 -9.69
CA VAL A 20 20.41 -4.17 -10.92
C VAL A 20 18.95 -3.80 -10.68
N ASN A 21 18.61 -2.54 -10.92
CA ASN A 21 17.24 -2.07 -10.73
C ASN A 21 16.37 -2.55 -11.89
N LYS A 22 15.14 -2.95 -11.58
CA LYS A 22 14.24 -3.39 -12.63
C LYS A 22 13.20 -2.32 -12.93
N HIS A 23 13.01 -2.07 -14.21
CA HIS A 23 12.06 -1.07 -14.68
C HIS A 23 11.22 -1.75 -15.75
N VAL A 24 10.13 -1.10 -16.14
CA VAL A 24 9.27 -1.62 -17.20
C VAL A 24 9.03 -0.50 -18.20
N ILE A 25 9.46 -0.71 -19.43
CA ILE A 25 9.27 0.28 -20.48
C ILE A 25 7.89 0.06 -21.10
N VAL A 26 7.14 1.14 -21.25
CA VAL A 26 5.78 1.06 -21.79
C VAL A 26 5.62 1.60 -23.20
N LYS A 27 4.85 0.88 -24.00
CA LYS A 27 4.53 1.26 -25.36
C LYS A 27 3.01 1.19 -25.53
N ILE A 28 2.39 2.30 -25.93
CA ILE A 28 0.96 2.31 -26.15
C ILE A 28 0.74 2.56 -27.63
N HIS A 29 0.17 1.56 -28.31
CA HIS A 29 -0.08 1.66 -29.76
C HIS A 29 -1.50 2.09 -30.08
N THR A 30 -1.65 2.77 -31.22
CA THR A 30 -2.95 3.26 -31.65
C THR A 30 -3.29 2.81 -33.07
N ASP A 31 -4.51 3.11 -33.49
CA ASP A 31 -4.98 2.74 -34.83
C ASP A 31 -4.34 3.58 -35.94
N GLU A 32 -3.72 4.69 -35.56
CA GLU A 32 -3.07 5.56 -36.55
C GLU A 32 -1.56 5.36 -36.63
N GLY A 33 -1.07 4.32 -35.95
CA GLY A 33 0.36 4.03 -35.99
C GLY A 33 1.22 4.83 -35.04
N LEU A 34 0.62 5.72 -34.26
CA LEU A 34 1.38 6.53 -33.31
C LEU A 34 1.55 5.73 -32.02
N THR A 35 2.77 5.71 -31.49
CA THR A 35 3.07 4.98 -30.28
C THR A 35 3.63 5.87 -29.18
N GLY A 36 3.05 5.77 -27.99
CA GLY A 36 3.53 6.57 -26.88
C GLY A 36 4.42 5.71 -26.01
N ILE A 37 5.53 6.28 -25.55
CA ILE A 37 6.44 5.52 -24.70
C ILE A 37 6.49 6.10 -23.30
N GLY A 38 6.58 5.20 -22.32
CA GLY A 38 6.63 5.61 -20.93
C GLY A 38 7.52 4.68 -20.14
N GLU A 39 7.63 4.91 -18.84
CA GLU A 39 8.49 4.11 -18.00
C GLU A 39 7.95 3.90 -16.59
N MET A 40 7.73 2.65 -16.20
CA MET A 40 7.28 2.32 -14.85
C MET A 40 8.63 2.18 -14.14
N SER A 41 9.11 3.29 -13.60
CA SER A 41 10.42 3.36 -12.97
C SER A 41 10.67 2.69 -11.63
N ASP A 42 11.80 1.99 -11.58
CA ASP A 42 12.31 1.30 -10.40
C ASP A 42 11.31 0.54 -9.54
N PHE A 43 11.04 -0.70 -9.92
CA PHE A 43 10.13 -1.56 -9.16
C PHE A 43 10.88 -2.20 -7.99
N SER A 44 12.19 -2.00 -7.95
CA SER A 44 13.02 -2.58 -6.91
C SER A 44 12.97 -1.91 -5.54
N HIS A 45 11.78 -1.82 -4.97
CA HIS A 45 11.58 -1.24 -3.65
C HIS A 45 10.67 -2.20 -2.87
N LEU A 46 10.71 -2.13 -1.55
CA LEU A 46 9.82 -2.97 -0.73
C LEU A 46 8.41 -2.49 -1.07
N PRO A 47 7.39 -3.34 -0.85
CA PRO A 47 7.43 -4.70 -0.30
C PRO A 47 8.13 -5.73 -1.17
N LEU A 48 8.65 -6.75 -0.50
CA LEU A 48 9.39 -7.82 -1.14
C LEU A 48 8.60 -8.83 -1.97
N TYR A 49 7.68 -8.35 -2.81
CA TYR A 49 6.96 -9.23 -3.71
C TYR A 49 7.03 -8.60 -5.10
N SER A 50 6.72 -9.37 -6.12
CA SER A 50 6.77 -8.83 -7.47
C SER A 50 5.48 -9.07 -8.23
N VAL A 51 5.17 -8.16 -9.14
CA VAL A 51 3.96 -8.20 -9.93
C VAL A 51 4.09 -9.03 -11.21
N ASP A 52 3.05 -9.80 -11.50
CA ASP A 52 3.00 -10.65 -12.69
C ASP A 52 2.70 -9.71 -13.87
N LEU A 53 3.68 -9.53 -14.75
CA LEU A 53 3.51 -8.63 -15.89
C LEU A 53 2.56 -9.16 -16.96
N HIS A 54 2.40 -10.47 -17.03
CA HIS A 54 1.48 -11.04 -18.01
C HIS A 54 0.06 -10.68 -17.58
N ASP A 55 -0.22 -10.92 -16.30
CA ASP A 55 -1.54 -10.59 -15.75
C ASP A 55 -1.75 -9.07 -15.85
N LEU A 56 -0.72 -8.29 -15.54
CA LEU A 56 -0.84 -6.83 -15.58
C LEU A 56 -1.13 -6.29 -16.98
N LYS A 57 -0.46 -6.83 -17.99
CA LYS A 57 -0.72 -6.37 -19.36
C LYS A 57 -2.18 -6.59 -19.70
N GLN A 58 -2.73 -7.71 -19.25
CA GLN A 58 -4.13 -8.02 -19.51
C GLN A 58 -5.06 -7.02 -18.82
N GLY A 59 -4.82 -6.77 -17.54
CA GLY A 59 -5.64 -5.83 -16.79
C GLY A 59 -5.59 -4.44 -17.42
N LEU A 60 -4.39 -3.95 -17.70
CA LEU A 60 -4.24 -2.61 -18.28
C LEU A 60 -4.84 -2.51 -19.68
N LEU A 61 -4.74 -3.59 -20.46
CA LEU A 61 -5.30 -3.57 -21.80
C LEU A 61 -6.82 -3.45 -21.74
N SER A 62 -7.44 -4.18 -20.83
CA SER A 62 -8.88 -4.14 -20.68
C SER A 62 -9.32 -2.71 -20.37
N ILE A 63 -8.48 -1.99 -19.64
CA ILE A 63 -8.76 -0.61 -19.26
C ILE A 63 -8.57 0.36 -20.43
N LEU A 64 -7.45 0.22 -21.13
CA LEU A 64 -7.09 1.11 -22.23
C LEU A 64 -7.63 0.83 -23.63
N LEU A 65 -7.86 -0.44 -23.95
CA LEU A 65 -8.32 -0.80 -25.28
C LEU A 65 -9.49 0.01 -25.81
N GLY A 66 -9.30 0.62 -26.98
CA GLY A 66 -10.35 1.40 -27.60
C GLY A 66 -10.53 2.81 -27.08
N GLN A 67 -9.74 3.22 -26.10
CA GLN A 67 -9.88 4.56 -25.55
C GLN A 67 -9.18 5.65 -26.34
N ASN A 68 -9.67 6.88 -26.16
CA ASN A 68 -9.11 8.05 -26.83
C ASN A 68 -8.01 8.53 -25.87
N PRO A 69 -6.74 8.46 -26.30
CA PRO A 69 -5.61 8.89 -25.48
C PRO A 69 -5.72 10.30 -24.89
N PHE A 70 -6.52 11.15 -25.53
CA PHE A 70 -6.71 12.51 -25.05
C PHE A 70 -7.61 12.60 -23.83
N ASP A 71 -8.28 11.49 -23.49
CA ASP A 71 -9.16 11.46 -22.32
C ASP A 71 -8.33 11.14 -21.07
N LEU A 72 -7.38 12.02 -20.77
CA LEU A 72 -6.51 11.81 -19.62
C LEU A 72 -7.24 11.78 -18.27
N MET A 73 -8.23 12.65 -18.08
CA MET A 73 -8.95 12.68 -16.81
C MET A 73 -9.75 11.40 -16.60
N LYS A 74 -10.43 10.96 -17.66
CA LYS A 74 -11.22 9.73 -17.62
C LYS A 74 -10.34 8.53 -17.41
N ILE A 75 -9.29 8.42 -18.23
CA ILE A 75 -8.39 7.29 -18.11
C ILE A 75 -7.72 7.24 -16.73
N ASN A 76 -7.24 8.38 -16.23
CA ASN A 76 -6.59 8.38 -14.93
C ASN A 76 -7.53 8.00 -13.79
N LYS A 77 -8.81 8.37 -13.92
CA LYS A 77 -9.80 8.02 -12.92
C LYS A 77 -9.94 6.49 -12.89
N GLU A 78 -9.96 5.87 -14.07
CA GLU A 78 -10.09 4.42 -14.15
C GLU A 78 -8.84 3.75 -13.60
N LEU A 79 -7.68 4.31 -13.94
CA LEU A 79 -6.42 3.74 -13.45
C LEU A 79 -6.43 3.77 -11.91
N THR A 80 -6.83 4.89 -11.33
CA THR A 80 -6.88 5.03 -9.88
C THR A 80 -7.92 4.09 -9.27
N ASP A 81 -9.04 3.88 -9.98
CA ASP A 81 -10.07 2.98 -9.50
C ASP A 81 -9.47 1.58 -9.31
N ASN A 82 -8.64 1.17 -10.28
CA ASN A 82 -8.02 -0.16 -10.25
C ASN A 82 -6.73 -0.25 -9.44
N PHE A 83 -6.00 0.86 -9.34
CA PHE A 83 -4.73 0.91 -8.60
C PHE A 83 -4.83 2.06 -7.61
N PRO A 84 -5.57 1.88 -6.52
CA PRO A 84 -5.78 2.88 -5.48
C PRO A 84 -4.51 3.44 -4.85
N GLU A 85 -4.58 4.68 -4.37
CA GLU A 85 -3.46 5.29 -3.68
C GLU A 85 -3.54 4.63 -2.31
N THR A 86 -2.40 4.43 -1.66
CA THR A 86 -2.39 3.75 -0.38
C THR A 86 -1.62 4.46 0.73
N MET A 87 -1.29 5.73 0.53
CA MET A 87 -0.52 6.45 1.54
C MET A 87 0.80 5.74 1.82
N TYR A 88 1.26 4.95 0.86
CA TYR A 88 2.55 4.26 0.99
C TYR A 88 3.51 4.80 -0.07
N TYR A 89 4.67 5.23 0.38
CA TYR A 89 5.73 5.79 -0.46
C TYR A 89 6.00 5.01 -1.73
N TYR A 90 6.29 3.71 -1.58
CA TYR A 90 6.61 2.86 -2.72
C TYR A 90 5.51 1.94 -3.23
N GLU A 91 4.27 2.42 -3.28
CA GLU A 91 3.18 1.59 -3.77
C GLU A 91 3.46 1.28 -5.25
N LYS A 92 3.53 0.00 -5.59
CA LYS A 92 3.82 -0.38 -6.97
C LYS A 92 2.73 0.06 -7.95
N GLY A 93 1.51 0.28 -7.44
CA GLY A 93 0.43 0.74 -8.30
C GLY A 93 0.72 2.14 -8.82
N SER A 94 1.45 2.92 -8.05
CA SER A 94 1.79 4.29 -8.46
C SER A 94 2.77 4.24 -9.64
N PHE A 95 3.75 3.33 -9.56
CA PHE A 95 4.74 3.19 -10.63
C PHE A 95 4.04 2.81 -11.93
N ILE A 96 3.07 1.92 -11.79
CA ILE A 96 2.29 1.42 -12.91
C ILE A 96 1.48 2.53 -13.57
N ARG A 97 0.69 3.25 -12.79
CA ARG A 97 -0.11 4.32 -13.36
C ARG A 97 0.82 5.34 -14.02
N ASN A 98 1.95 5.61 -13.37
CA ASN A 98 2.94 6.56 -13.87
C ASN A 98 3.37 6.22 -15.30
N GLY A 99 3.79 4.97 -15.52
CA GLY A 99 4.23 4.56 -16.84
C GLY A 99 3.16 4.74 -17.90
N ILE A 100 1.93 4.42 -17.56
CA ILE A 100 0.82 4.57 -18.50
C ILE A 100 0.50 6.02 -18.78
N ASP A 101 0.27 6.82 -17.74
CA ASP A 101 -0.04 8.22 -17.93
C ASP A 101 1.05 8.95 -18.72
N ASN A 102 2.31 8.67 -18.39
CA ASN A 102 3.40 9.35 -19.08
C ASN A 102 3.47 8.93 -20.53
N ALA A 103 3.12 7.68 -20.82
CA ALA A 103 3.13 7.21 -22.20
C ALA A 103 2.03 7.94 -22.96
N LEU A 104 0.91 8.19 -22.30
CA LEU A 104 -0.20 8.90 -22.93
C LEU A 104 0.19 10.33 -23.27
N HIS A 105 1.00 10.97 -22.43
CA HIS A 105 1.43 12.34 -22.71
C HIS A 105 2.28 12.35 -23.97
N ASP A 106 3.24 11.43 -24.04
CA ASP A 106 4.12 11.30 -25.21
C ASP A 106 3.27 11.05 -26.47
N LEU A 107 2.30 10.15 -26.35
CA LEU A 107 1.39 9.80 -27.44
C LEU A 107 0.60 11.01 -27.95
N CYS A 108 -0.08 11.70 -27.04
CA CYS A 108 -0.88 12.88 -27.40
C CYS A 108 0.01 13.95 -28.03
N ALA A 109 1.17 14.18 -27.42
CA ALA A 109 2.10 15.17 -27.89
C ALA A 109 2.52 14.83 -29.33
N LYS A 110 2.85 13.56 -29.56
CA LYS A 110 3.25 13.11 -30.89
C LYS A 110 2.12 13.33 -31.89
N TYR A 111 0.90 12.98 -31.49
CA TYR A 111 -0.26 13.16 -32.36
C TYR A 111 -0.40 14.62 -32.80
N LEU A 112 -0.19 15.54 -31.87
CA LEU A 112 -0.31 16.97 -32.14
C LEU A 112 0.95 17.58 -32.75
N ASP A 113 2.02 16.79 -32.87
CA ASP A 113 3.28 17.26 -33.40
C ASP A 113 3.84 18.42 -32.57
N ILE A 114 3.76 18.28 -31.25
CA ILE A 114 4.28 19.30 -30.33
C ILE A 114 5.10 18.60 -29.25
N SER A 115 5.93 19.37 -28.55
CA SER A 115 6.72 18.82 -27.48
C SER A 115 5.79 18.59 -26.30
N VAL A 116 6.12 17.63 -25.45
CA VAL A 116 5.31 17.36 -24.27
C VAL A 116 5.24 18.66 -23.45
N SER A 117 6.30 19.45 -23.51
CA SER A 117 6.36 20.71 -22.78
C SER A 117 5.15 21.57 -23.14
N ASP A 118 4.86 21.67 -24.43
CA ASP A 118 3.74 22.50 -24.86
C ASP A 118 2.39 21.89 -24.51
N PHE A 119 2.40 20.61 -24.15
CA PHE A 119 1.16 19.96 -23.78
C PHE A 119 0.96 20.12 -22.27
N LEU A 120 2.05 20.43 -21.56
CA LEU A 120 2.03 20.59 -20.10
C LEU A 120 1.95 22.03 -19.60
N GLY A 121 1.80 22.99 -20.51
CA GLY A 121 1.71 24.37 -20.06
C GLY A 121 2.84 25.25 -20.54
N GLY A 122 3.73 24.71 -21.36
CA GLY A 122 4.83 25.50 -21.89
C GLY A 122 6.06 25.60 -21.01
N ARG A 123 6.88 26.60 -21.29
CA ARG A 123 8.13 26.80 -20.56
C ARG A 123 8.16 28.05 -19.70
N VAL A 124 8.78 27.92 -18.53
CA VAL A 124 8.97 29.01 -17.59
C VAL A 124 10.49 29.24 -17.55
N LYS A 125 11.22 28.18 -17.85
CA LYS A 125 12.68 28.19 -17.91
C LYS A 125 13.08 27.04 -18.82
N GLU A 126 14.35 26.97 -19.21
CA GLU A 126 14.77 25.91 -20.12
C GLU A 126 15.52 24.78 -19.43
N LYS A 127 15.82 24.95 -18.16
CA LYS A 127 16.53 23.93 -17.41
C LYS A 127 16.25 24.12 -15.92
N ILE A 128 16.43 23.07 -15.14
CA ILE A 128 16.22 23.17 -13.71
C ILE A 128 17.45 22.58 -13.03
N LYS A 129 17.88 23.22 -11.95
CA LYS A 129 19.05 22.75 -11.22
C LYS A 129 18.73 21.45 -10.49
N VAL A 130 19.64 20.48 -10.59
CA VAL A 130 19.46 19.21 -9.91
C VAL A 130 20.69 18.88 -9.06
N CYS A 131 20.62 17.80 -8.28
CA CYS A 131 21.75 17.41 -7.46
C CYS A 131 22.00 15.91 -7.57
N TYR A 132 23.22 15.51 -7.22
CA TYR A 132 23.64 14.12 -7.27
C TYR A 132 23.60 13.59 -5.85
N PRO A 133 23.11 12.35 -5.66
CA PRO A 133 23.03 11.76 -4.32
C PRO A 133 24.26 11.06 -3.75
N ILE A 134 24.45 11.24 -2.46
CA ILE A 134 25.52 10.57 -1.73
C ILE A 134 24.71 9.78 -0.70
N PHE A 135 24.62 8.48 -0.90
CA PHE A 135 23.83 7.63 -0.02
C PHE A 135 24.40 7.54 1.39
N ARG A 136 23.52 7.31 2.36
CA ARG A 136 23.93 7.30 3.76
C ARG A 136 25.08 6.40 4.18
N HIS A 137 25.94 6.99 5.01
CA HIS A 137 27.11 6.29 5.54
C HIS A 137 26.67 5.38 6.67
N ARG A 138 27.32 4.23 6.79
CA ARG A 138 27.03 3.30 7.86
C ARG A 138 28.28 3.23 8.73
N PHE A 139 29.44 3.41 8.10
CA PHE A 139 30.72 3.39 8.80
C PHE A 139 31.59 4.56 8.36
N SER A 140 32.47 5.02 9.25
CA SER A 140 33.35 6.14 8.94
C SER A 140 34.31 5.80 7.80
N GLU A 141 34.53 4.51 7.59
CA GLU A 141 35.43 4.03 6.54
C GLU A 141 34.87 4.33 5.15
N GLU A 142 33.57 4.54 5.06
CA GLU A 142 32.91 4.83 3.79
C GLU A 142 33.11 6.27 3.33
N VAL A 143 33.56 7.13 4.23
CA VAL A 143 33.76 8.55 3.93
C VAL A 143 34.70 8.87 2.77
N GLU A 144 35.92 8.33 2.83
CA GLU A 144 36.91 8.59 1.78
C GLU A 144 36.33 8.29 0.40
N SER A 145 35.68 7.14 0.27
CA SER A 145 35.09 6.73 -1.00
C SER A 145 34.04 7.72 -1.50
N ASN A 146 33.29 8.32 -0.58
CA ASN A 146 32.25 9.26 -0.97
C ASN A 146 32.85 10.60 -1.37
N LEU A 147 34.01 10.93 -0.81
CA LEU A 147 34.67 12.18 -1.15
C LEU A 147 35.16 12.06 -2.59
N ASP A 148 35.55 10.85 -2.98
CA ASP A 148 36.01 10.61 -4.35
C ASP A 148 34.82 10.82 -5.29
N VAL A 149 33.66 10.34 -4.87
CA VAL A 149 32.44 10.49 -5.65
C VAL A 149 32.13 11.97 -5.84
N VAL A 150 32.25 12.74 -4.77
CA VAL A 150 31.98 14.17 -4.84
C VAL A 150 32.94 14.85 -5.82
N ARG A 151 34.21 14.53 -5.68
CA ARG A 151 35.23 15.13 -6.53
C ARG A 151 35.00 14.74 -7.98
N GLN A 152 34.60 13.49 -8.20
CA GLN A 152 34.35 13.02 -9.55
C GLN A 152 33.14 13.70 -10.19
N LYS A 153 32.02 13.77 -9.48
CA LYS A 153 30.83 14.39 -10.05
C LYS A 153 30.98 15.89 -10.20
N LEU A 154 31.70 16.53 -9.28
CA LEU A 154 31.93 17.97 -9.36
C LEU A 154 32.69 18.25 -10.66
N GLU A 155 33.68 17.40 -10.91
CA GLU A 155 34.51 17.48 -12.10
C GLU A 155 33.62 17.45 -13.35
N GLN A 156 32.54 16.69 -13.28
CA GLN A 156 31.61 16.55 -14.38
C GLN A 156 30.55 17.66 -14.44
N GLY A 157 30.58 18.58 -13.49
CA GLY A 157 29.62 19.68 -13.51
C GLY A 157 28.62 19.71 -12.37
N PHE A 158 28.48 18.60 -11.65
CA PHE A 158 27.53 18.57 -10.54
C PHE A 158 28.16 19.19 -9.29
N ASP A 159 27.84 20.45 -9.02
CA ASP A 159 28.39 21.13 -7.85
C ASP A 159 27.45 21.06 -6.67
N VAL A 160 26.24 20.53 -6.89
CA VAL A 160 25.27 20.39 -5.80
C VAL A 160 24.95 18.91 -5.58
N PHE A 161 24.88 18.52 -4.31
CA PHE A 161 24.58 17.14 -3.93
C PHE A 161 23.53 17.12 -2.85
N ARG A 162 23.02 15.93 -2.54
CA ARG A 162 22.07 15.75 -1.44
C ARG A 162 22.64 14.57 -0.69
N LEU A 163 22.65 14.66 0.64
CA LEU A 163 23.20 13.59 1.47
C LEU A 163 22.16 12.89 2.33
N TYR A 164 22.13 11.57 2.23
CA TYR A 164 21.21 10.77 3.02
C TYR A 164 21.93 10.55 4.35
N VAL A 165 21.24 10.86 5.44
CA VAL A 165 21.83 10.76 6.78
C VAL A 165 20.92 10.04 7.78
N GLY A 166 21.39 9.94 9.03
CA GLY A 166 20.60 9.32 10.07
C GLY A 166 21.04 7.97 10.58
N LYS A 167 21.77 7.21 9.76
CA LYS A 167 22.25 5.88 10.16
C LYS A 167 23.40 5.97 11.16
N ASN A 168 24.44 6.70 10.78
CA ASN A 168 25.64 6.88 11.61
C ASN A 168 25.99 8.37 11.62
N LEU A 169 25.44 9.10 12.58
CA LEU A 169 25.69 10.55 12.69
C LEU A 169 27.15 10.95 12.73
N ASP A 170 27.98 10.16 13.41
CA ASP A 170 29.40 10.48 13.49
C ASP A 170 30.01 10.46 12.09
N ALA A 171 29.59 9.50 11.28
CA ALA A 171 30.07 9.36 9.91
C ALA A 171 29.53 10.52 9.07
N ASP A 172 28.23 10.81 9.23
CA ASP A 172 27.60 11.91 8.50
C ASP A 172 28.41 13.19 8.73
N GLU A 173 28.68 13.47 10.00
CA GLU A 173 29.42 14.66 10.39
C GLU A 173 30.85 14.65 9.87
N GLU A 174 31.45 13.47 9.82
CA GLU A 174 32.83 13.35 9.32
C GLU A 174 32.85 13.73 7.85
N PHE A 175 31.88 13.19 7.10
CA PHE A 175 31.77 13.46 5.68
C PHE A 175 31.64 14.96 5.43
N LEU A 176 30.64 15.58 6.06
CA LEU A 176 30.41 17.00 5.90
C LEU A 176 31.63 17.83 6.26
N SER A 177 32.31 17.42 7.33
CA SER A 177 33.51 18.12 7.76
C SER A 177 34.59 18.01 6.69
N ARG A 178 34.76 16.82 6.13
CA ARG A 178 35.75 16.58 5.10
C ARG A 178 35.41 17.34 3.80
N VAL A 179 34.12 17.45 3.52
CA VAL A 179 33.67 18.15 2.33
C VAL A 179 33.94 19.66 2.42
N LYS A 180 33.60 20.25 3.57
CA LYS A 180 33.81 21.68 3.77
C LYS A 180 35.29 22.00 3.69
N GLU A 181 36.10 21.14 4.28
CA GLU A 181 37.55 21.27 4.32
C GLU A 181 38.20 21.29 2.94
N GLU A 182 37.90 20.28 2.12
CA GLU A 182 38.49 20.18 0.79
C GLU A 182 37.88 21.08 -0.28
N PHE A 183 36.56 21.09 -0.38
CA PHE A 183 35.89 21.86 -1.43
C PHE A 183 35.46 23.29 -1.09
N GLY A 184 35.45 23.64 0.20
CA GLY A 184 35.07 24.99 0.57
C GLY A 184 33.67 25.33 0.08
N SER A 185 33.57 26.28 -0.85
CA SER A 185 32.27 26.69 -1.38
C SER A 185 32.05 26.15 -2.80
N ARG A 186 33.00 25.36 -3.28
CA ARG A 186 32.90 24.78 -4.62
C ARG A 186 31.76 23.78 -4.68
N VAL A 187 31.42 23.21 -3.53
CA VAL A 187 30.35 22.24 -3.46
C VAL A 187 29.26 22.60 -2.46
N ARG A 188 28.03 22.29 -2.84
CA ARG A 188 26.87 22.54 -2.01
C ARG A 188 26.12 21.23 -1.78
N ILE A 189 25.60 21.06 -0.57
CA ILE A 189 24.83 19.89 -0.22
C ILE A 189 23.50 20.55 0.17
N LYS A 190 22.58 20.55 -0.79
CA LYS A 190 21.29 21.21 -0.62
C LYS A 190 20.30 20.55 0.31
N SER A 191 20.50 19.27 0.60
CA SER A 191 19.59 18.59 1.48
C SER A 191 20.21 17.48 2.32
N TYR A 192 19.67 17.32 3.52
CA TYR A 192 20.09 16.25 4.42
C TYR A 192 18.78 15.45 4.48
N ASP A 193 18.82 14.25 3.94
CA ASP A 193 17.65 13.37 3.86
C ASP A 193 17.73 12.24 4.89
N PHE A 194 16.77 12.23 5.81
CA PHE A 194 16.73 11.21 6.86
C PHE A 194 15.94 9.97 6.43
N SER A 195 15.32 10.02 5.26
CA SER A 195 14.55 8.91 4.74
C SER A 195 13.58 8.27 5.74
N HIS A 196 12.93 9.09 6.56
CA HIS A 196 11.94 8.60 7.54
C HIS A 196 12.50 7.63 8.58
N LEU A 197 13.80 7.63 8.78
CA LEU A 197 14.42 6.69 9.73
C LEU A 197 14.34 7.06 11.21
N LEU A 198 14.22 8.36 11.50
CA LEU A 198 14.19 8.81 12.90
C LEU A 198 12.87 9.45 13.32
N ASN A 199 12.54 9.35 14.61
CA ASN A 199 11.33 9.99 15.11
C ASN A 199 11.69 11.47 15.08
N TRP A 200 10.70 12.36 15.04
CA TRP A 200 11.02 13.77 14.92
C TRP A 200 11.96 14.38 15.97
N LYS A 201 11.88 13.95 17.23
CA LYS A 201 12.78 14.50 18.23
C LYS A 201 14.21 14.04 18.00
N ASP A 202 14.38 12.78 17.60
CA ASP A 202 15.72 12.29 17.35
C ASP A 202 16.28 13.02 16.12
N ALA A 203 15.41 13.33 15.17
CA ALA A 203 15.83 14.03 13.96
C ALA A 203 16.23 15.45 14.32
N HIS A 204 15.52 16.04 15.28
CA HIS A 204 15.80 17.40 15.73
C HIS A 204 17.23 17.48 16.26
N ARG A 205 17.61 16.51 17.09
CA ARG A 205 18.96 16.49 17.65
C ARG A 205 19.99 16.30 16.55
N ALA A 206 19.68 15.45 15.59
CA ALA A 206 20.58 15.18 14.48
C ALA A 206 20.73 16.43 13.62
N ILE A 207 19.61 17.08 13.33
CA ILE A 207 19.60 18.30 12.53
C ILE A 207 20.47 19.37 13.20
N LYS A 208 20.32 19.48 14.52
CA LYS A 208 21.07 20.45 15.29
C LYS A 208 22.58 20.26 15.17
N ARG A 209 23.04 19.01 15.13
CA ARG A 209 24.48 18.79 15.02
C ARG A 209 24.99 18.84 13.58
N LEU A 210 24.21 18.30 12.64
CA LEU A 210 24.63 18.30 11.25
C LEU A 210 24.62 19.67 10.61
N THR A 211 23.64 20.51 10.97
CA THR A 211 23.57 21.84 10.39
C THR A 211 24.67 22.78 10.85
N LYS A 212 25.59 22.27 11.66
CA LYS A 212 26.73 23.09 12.08
C LYS A 212 27.43 23.34 10.75
N TYR A 213 27.21 22.39 9.84
CA TYR A 213 27.76 22.45 8.50
C TYR A 213 26.61 22.88 7.58
N ASP A 214 26.77 24.06 6.99
CA ASP A 214 25.77 24.62 6.08
C ASP A 214 26.49 24.97 4.79
N LEU A 215 26.49 24.03 3.85
CA LEU A 215 27.13 24.23 2.56
C LEU A 215 26.04 24.46 1.52
N GLY A 216 25.43 25.64 1.58
CA GLY A 216 24.35 25.93 0.64
C GLY A 216 23.17 25.03 0.94
N LEU A 217 22.97 24.71 2.23
CA LEU A 217 21.86 23.85 2.63
C LEU A 217 20.53 24.53 2.32
N GLU A 218 19.64 23.79 1.67
CA GLU A 218 18.33 24.33 1.27
C GLU A 218 17.15 23.73 2.02
N MET A 219 17.29 22.48 2.46
CA MET A 219 16.18 21.81 3.12
C MET A 219 16.58 20.57 3.93
N ILE A 220 15.66 20.14 4.79
CA ILE A 220 15.85 18.92 5.58
C ILE A 220 14.69 18.06 5.07
N GLU A 221 15.02 16.90 4.50
CA GLU A 221 13.99 16.04 3.94
C GLU A 221 13.63 14.80 4.74
N SER A 222 12.32 14.52 4.80
CA SER A 222 11.77 13.37 5.52
C SER A 222 12.33 13.20 6.93
N PRO A 223 12.35 14.27 7.73
CA PRO A 223 12.89 14.16 9.09
C PRO A 223 11.97 13.53 10.14
N ALA A 224 10.96 12.79 9.70
CA ALA A 224 10.04 12.12 10.62
C ALA A 224 9.53 10.87 9.93
N PRO A 225 8.88 9.97 10.69
CA PRO A 225 8.35 8.73 10.11
C PRO A 225 7.33 9.01 9.01
N ARG A 226 7.09 8.01 8.17
CA ARG A 226 6.13 8.19 7.09
C ARG A 226 4.76 8.54 7.64
N ASN A 227 4.15 9.57 7.04
CA ASN A 227 2.82 10.05 7.41
C ASN A 227 2.71 10.66 8.81
N ASP A 228 3.84 10.98 9.44
CA ASP A 228 3.81 11.60 10.76
C ASP A 228 3.66 13.11 10.59
N PHE A 229 2.48 13.52 10.17
CA PHE A 229 2.19 14.93 9.93
C PHE A 229 2.42 15.83 11.13
N ASP A 230 2.00 15.39 12.32
CA ASP A 230 2.19 16.20 13.50
C ASP A 230 3.66 16.35 13.86
N GLY A 231 4.43 15.29 13.67
CA GLY A 231 5.86 15.35 13.96
C GLY A 231 6.57 16.29 13.01
N LEU A 232 6.17 16.25 11.73
CA LEU A 232 6.76 17.13 10.73
C LEU A 232 6.48 18.58 11.13
N TYR A 233 5.25 18.83 11.55
CA TYR A 233 4.86 20.17 11.97
C TYR A 233 5.69 20.69 13.14
N GLN A 234 5.78 19.90 14.20
CA GLN A 234 6.55 20.32 15.37
C GLN A 234 8.01 20.59 15.00
N LEU A 235 8.58 19.74 14.16
CA LEU A 235 9.96 19.88 13.75
C LEU A 235 10.14 21.12 12.86
N ARG A 236 9.12 21.43 12.08
CA ARG A 236 9.17 22.58 11.19
C ARG A 236 9.24 23.86 12.02
N LEU A 237 8.61 23.82 13.19
CA LEU A 237 8.55 24.97 14.10
C LEU A 237 9.87 25.18 14.82
N LYS A 238 10.66 24.12 14.95
CA LYS A 238 11.93 24.22 15.66
C LYS A 238 13.13 24.30 14.73
N THR A 239 12.90 24.14 13.43
CA THR A 239 13.98 24.17 12.47
C THR A 239 13.91 25.40 11.56
N ASP A 240 15.02 26.11 11.45
CA ASP A 240 15.09 27.30 10.60
C ASP A 240 14.97 26.93 9.13
N TYR A 241 15.64 25.84 8.76
CA TYR A 241 15.65 25.38 7.38
C TYR A 241 14.31 24.81 6.95
N PRO A 242 13.98 24.96 5.67
CA PRO A 242 12.71 24.44 5.15
C PRO A 242 12.68 22.93 5.32
N ILE A 243 11.50 22.38 5.58
CA ILE A 243 11.33 20.94 5.72
C ILE A 243 10.66 20.47 4.44
N SER A 244 11.21 19.44 3.82
CA SER A 244 10.62 18.91 2.59
C SER A 244 10.19 17.47 2.83
N GLU A 245 9.20 17.04 2.07
CA GLU A 245 8.71 15.68 2.21
C GLU A 245 8.11 15.22 0.89
N HIS A 246 8.30 13.95 0.58
CA HIS A 246 7.79 13.36 -0.64
C HIS A 246 6.27 13.26 -0.61
N VAL A 247 5.65 13.42 -1.77
CA VAL A 247 4.20 13.31 -1.90
C VAL A 247 3.91 11.97 -2.56
N TRP A 248 3.27 11.07 -1.82
CA TRP A 248 2.95 9.75 -2.35
C TRP A 248 1.47 9.47 -2.53
N SER A 249 0.61 10.39 -2.10
CA SER A 249 -0.83 10.25 -2.29
C SER A 249 -1.49 11.59 -2.01
N PHE A 250 -2.64 11.82 -2.63
CA PHE A 250 -3.35 13.07 -2.43
C PHE A 250 -3.79 13.21 -0.98
N LYS A 251 -4.20 12.11 -0.37
CA LYS A 251 -4.64 12.12 1.03
C LYS A 251 -3.51 12.64 1.92
N GLN A 252 -2.32 12.07 1.74
CA GLN A 252 -1.15 12.47 2.51
C GLN A 252 -0.81 13.94 2.25
N GLN A 253 -0.84 14.34 0.98
CA GLN A 253 -0.53 15.73 0.65
C GLN A 253 -1.56 16.66 1.28
N GLN A 254 -2.83 16.27 1.21
CA GLN A 254 -3.91 17.08 1.78
C GLN A 254 -3.65 17.33 3.26
N GLU A 255 -3.31 16.27 3.99
CA GLU A 255 -3.05 16.41 5.42
C GLU A 255 -1.89 17.35 5.72
N MET A 256 -0.79 17.23 4.96
CA MET A 256 0.36 18.09 5.18
C MET A 256 0.04 19.55 4.83
N ILE A 257 -0.90 19.74 3.92
CA ILE A 257 -1.31 21.08 3.52
C ILE A 257 -2.15 21.68 4.64
N LYS A 258 -3.20 20.97 5.02
CA LYS A 258 -4.10 21.40 6.08
C LYS A 258 -3.38 21.71 7.38
N LYS A 259 -2.40 20.89 7.74
CA LYS A 259 -1.67 21.08 8.97
C LYS A 259 -0.43 21.94 8.82
N ASP A 260 -0.20 22.47 7.62
CA ASP A 260 0.97 23.30 7.35
C ASP A 260 2.21 22.62 7.92
N ALA A 261 2.28 21.30 7.70
CA ALA A 261 3.36 20.47 8.22
C ALA A 261 4.73 20.61 7.57
N ILE A 262 4.77 21.00 6.30
CA ILE A 262 6.06 21.13 5.62
C ILE A 262 6.19 22.43 4.83
N ASP A 263 7.40 22.69 4.34
CA ASP A 263 7.66 23.90 3.58
C ASP A 263 7.79 23.63 2.09
N ILE A 264 8.37 22.49 1.75
CA ILE A 264 8.56 22.14 0.35
C ILE A 264 7.98 20.76 0.02
N PHE A 265 7.16 20.70 -1.02
CA PHE A 265 6.57 19.45 -1.43
C PHE A 265 7.43 18.82 -2.51
N ASN A 266 7.99 17.66 -2.19
CA ASN A 266 8.84 16.93 -3.14
C ASN A 266 7.94 16.03 -3.96
N ILE A 267 7.73 16.43 -5.21
CA ILE A 267 6.85 15.71 -6.13
C ILE A 267 7.64 15.00 -7.24
N SER A 268 7.29 13.73 -7.47
CA SER A 268 7.93 12.93 -8.52
C SER A 268 6.83 12.09 -9.15
N PRO A 269 6.70 12.15 -10.49
CA PRO A 269 5.66 11.38 -11.17
C PRO A 269 5.52 9.92 -10.73
N VAL A 270 6.64 9.22 -10.58
CA VAL A 270 6.62 7.82 -10.20
C VAL A 270 5.93 7.50 -8.86
N PHE A 271 6.07 8.39 -7.88
CA PHE A 271 5.46 8.15 -6.57
C PHE A 271 4.03 8.64 -6.44
N ILE A 272 3.56 9.42 -7.41
CA ILE A 272 2.20 9.93 -7.32
C ILE A 272 1.30 9.42 -8.45
N GLY A 273 1.87 8.64 -9.37
CA GLY A 273 1.07 8.06 -10.43
C GLY A 273 1.14 8.64 -11.82
N GLY A 274 2.16 9.46 -12.09
CA GLY A 274 2.30 10.03 -13.42
C GLY A 274 2.24 11.55 -13.52
N LEU A 275 2.46 12.05 -14.73
CA LEU A 275 2.43 13.48 -15.00
C LEU A 275 1.10 14.15 -14.66
N THR A 276 0.00 13.50 -15.01
CA THR A 276 -1.31 14.05 -14.73
C THR A 276 -1.49 14.27 -13.23
N SER A 277 -1.15 13.26 -12.44
CA SER A 277 -1.28 13.35 -10.99
C SER A 277 -0.23 14.29 -10.39
N ALA A 278 0.98 14.28 -10.96
CA ALA A 278 2.05 15.15 -10.46
C ALA A 278 1.70 16.62 -10.67
N LYS A 279 1.07 16.94 -11.79
CA LYS A 279 0.66 18.32 -12.06
C LYS A 279 -0.42 18.74 -11.06
N LYS A 280 -1.36 17.85 -10.78
CA LYS A 280 -2.42 18.19 -9.83
C LYS A 280 -1.79 18.47 -8.48
N ALA A 281 -0.80 17.66 -8.11
CA ALA A 281 -0.12 17.82 -6.83
C ALA A 281 0.62 19.16 -6.79
N ALA A 282 1.30 19.49 -7.89
CA ALA A 282 2.05 20.74 -7.95
C ALA A 282 1.11 21.93 -7.90
N TYR A 283 -0.03 21.82 -8.57
CA TYR A 283 -1.00 22.91 -8.57
C TYR A 283 -1.63 23.06 -7.20
N ALA A 284 -1.88 21.93 -6.52
CA ALA A 284 -2.47 21.98 -5.19
C ALA A 284 -1.49 22.73 -4.28
N ALA A 285 -0.21 22.46 -4.46
CA ALA A 285 0.84 23.11 -3.69
C ALA A 285 0.81 24.61 -3.99
N GLU A 286 0.69 24.92 -5.28
CA GLU A 286 0.65 26.30 -5.73
C GLU A 286 -0.54 27.05 -5.12
N VAL A 287 -1.72 26.43 -5.16
CA VAL A 287 -2.91 27.07 -4.62
C VAL A 287 -2.69 27.39 -3.13
N ALA A 288 -1.91 26.54 -2.47
CA ALA A 288 -1.61 26.71 -1.05
C ALA A 288 -0.37 27.57 -0.80
N SER A 289 0.17 28.17 -1.86
CA SER A 289 1.36 29.01 -1.79
C SER A 289 2.56 28.27 -1.22
N LYS A 290 2.72 27.01 -1.61
CA LYS A 290 3.83 26.19 -1.14
C LYS A 290 4.85 25.92 -2.24
N ASP A 291 6.11 25.78 -1.84
CA ASP A 291 7.22 25.50 -2.75
C ASP A 291 7.25 24.03 -3.16
N VAL A 292 7.81 23.76 -4.33
CA VAL A 292 7.91 22.40 -4.85
C VAL A 292 9.29 22.10 -5.43
N VAL A 293 9.69 20.83 -5.35
CA VAL A 293 10.95 20.39 -5.95
C VAL A 293 10.62 19.03 -6.53
N LEU A 294 11.29 18.67 -7.63
CA LEU A 294 11.06 17.39 -8.26
C LEU A 294 11.97 16.33 -7.65
N GLY A 295 11.36 15.24 -7.18
CA GLY A 295 12.13 14.18 -6.57
C GLY A 295 12.46 13.09 -7.54
N THR A 296 12.98 11.96 -7.04
CA THR A 296 13.35 10.88 -7.93
C THR A 296 13.41 9.52 -7.27
N THR A 297 13.27 8.47 -8.08
CA THR A 297 13.40 7.11 -7.60
C THR A 297 14.59 6.53 -8.38
N GLN A 298 15.29 7.42 -9.09
CA GLN A 298 16.42 7.06 -9.95
C GLN A 298 15.88 6.44 -11.24
N GLU A 299 15.18 7.22 -12.04
CA GLU A 299 14.65 6.66 -13.27
C GLU A 299 15.65 6.72 -14.41
N LEU A 300 15.30 6.08 -15.52
CA LEU A 300 16.17 6.07 -16.70
C LEU A 300 15.86 7.34 -17.51
N SER A 301 16.36 7.41 -18.74
CA SER A 301 16.14 8.59 -19.56
C SER A 301 14.69 8.92 -19.87
N VAL A 302 13.88 7.91 -20.16
CA VAL A 302 12.47 8.15 -20.47
C VAL A 302 11.73 8.78 -19.28
N GLY A 303 11.95 8.25 -18.08
CA GLY A 303 11.30 8.78 -16.90
C GLY A 303 11.82 10.15 -16.49
N THR A 304 13.12 10.37 -16.70
CA THR A 304 13.74 11.64 -16.35
C THR A 304 13.25 12.75 -17.27
N ALA A 305 13.03 12.41 -18.55
CA ALA A 305 12.56 13.39 -19.52
C ALA A 305 11.19 13.91 -19.11
N ALA A 306 10.36 13.03 -18.55
CA ALA A 306 9.04 13.44 -18.11
C ALA A 306 9.17 14.60 -17.13
N MET A 307 10.09 14.47 -16.18
CA MET A 307 10.30 15.52 -15.18
C MET A 307 10.98 16.74 -15.78
N ALA A 308 11.80 16.55 -16.80
CA ALA A 308 12.48 17.68 -17.45
C ALA A 308 11.41 18.62 -18.00
N HIS A 309 10.41 18.06 -18.68
CA HIS A 309 9.33 18.87 -19.25
C HIS A 309 8.46 19.49 -18.15
N LEU A 310 8.08 18.67 -17.16
CA LEU A 310 7.24 19.16 -16.07
C LEU A 310 7.95 20.24 -15.27
N GLY A 311 9.21 19.97 -14.91
CA GLY A 311 9.99 20.90 -14.13
C GLY A 311 10.13 22.28 -14.75
N CYS A 312 10.33 22.32 -16.06
CA CYS A 312 10.49 23.58 -16.76
C CYS A 312 9.19 24.34 -17.02
N SER A 313 8.07 23.77 -16.58
CA SER A 313 6.76 24.40 -16.75
C SER A 313 6.21 24.99 -15.45
N LEU A 314 6.77 24.59 -14.31
CA LEU A 314 6.28 25.07 -13.00
C LEU A 314 6.89 26.37 -12.49
N THR A 315 6.03 27.23 -11.94
CA THR A 315 6.49 28.51 -11.41
C THR A 315 6.89 28.41 -9.95
N ASN A 316 6.44 27.35 -9.26
CA ASN A 316 6.77 27.23 -7.85
C ASN A 316 7.93 26.31 -7.44
N ILE A 317 8.89 26.13 -8.34
CA ILE A 317 10.08 25.35 -8.01
C ILE A 317 11.13 26.44 -7.76
N ASN A 318 11.51 26.58 -6.50
CA ASN A 318 12.45 27.61 -6.10
C ASN A 318 13.70 27.08 -5.40
N HIS A 319 13.92 25.77 -5.51
CA HIS A 319 15.07 25.13 -4.90
C HIS A 319 15.60 24.10 -5.87
N THR A 320 16.72 23.48 -5.52
CA THR A 320 17.37 22.47 -6.35
C THR A 320 16.58 21.16 -6.32
N SER A 321 16.39 20.55 -7.47
CA SER A 321 15.65 19.29 -7.55
C SER A 321 16.58 18.07 -7.52
N ASP A 322 16.03 16.87 -7.64
CA ASP A 322 16.84 15.66 -7.51
C ASP A 322 17.03 14.65 -8.64
N PRO A 323 16.25 14.74 -9.72
CA PRO A 323 16.44 13.72 -10.77
C PRO A 323 17.74 13.59 -11.59
N THR A 324 18.64 12.74 -11.10
CA THR A 324 19.91 12.46 -11.78
C THR A 324 20.08 10.95 -11.92
N GLY A 325 18.96 10.24 -12.04
CA GLY A 325 18.99 8.80 -12.16
C GLY A 325 19.94 8.23 -13.20
N PRO A 326 19.90 8.72 -14.44
CA PRO A 326 20.80 8.20 -15.48
C PRO A 326 22.28 8.18 -15.10
N GLU A 327 22.69 9.09 -14.21
CA GLU A 327 24.08 9.15 -13.78
C GLU A 327 24.52 7.95 -12.92
N LEU A 328 23.56 7.21 -12.37
CA LEU A 328 23.87 6.06 -11.54
C LEU A 328 23.90 4.75 -12.30
N TYR A 329 23.35 4.74 -13.51
CA TYR A 329 23.30 3.53 -14.31
C TYR A 329 24.41 3.43 -15.35
N VAL A 330 24.84 2.20 -15.66
CA VAL A 330 25.89 1.99 -16.63
C VAL A 330 25.34 2.09 -18.06
N GLY A 331 24.01 2.02 -18.19
CA GLY A 331 23.41 2.11 -19.50
C GLY A 331 21.97 2.57 -19.46
N ASP A 332 21.31 2.51 -20.61
CA ASP A 332 19.91 2.91 -20.75
C ASP A 332 19.35 2.16 -21.95
N VAL A 333 18.11 2.48 -22.36
CA VAL A 333 17.49 1.80 -23.50
C VAL A 333 17.03 2.81 -24.55
N VAL A 334 17.71 3.95 -24.60
CA VAL A 334 17.37 5.00 -25.55
C VAL A 334 18.54 5.27 -26.49
N LYS A 335 18.25 5.98 -27.58
CA LYS A 335 19.26 6.34 -28.56
C LYS A 335 20.09 7.52 -28.05
N ASN A 336 19.44 8.43 -27.34
CA ASN A 336 20.11 9.59 -26.76
C ASN A 336 19.56 9.88 -25.37
N ARG A 337 20.44 9.85 -24.36
CA ARG A 337 20.06 10.09 -22.98
C ARG A 337 19.74 11.56 -22.69
N VAL A 338 19.13 11.83 -21.54
CA VAL A 338 18.79 13.20 -21.16
C VAL A 338 20.05 14.05 -21.03
N THR A 339 19.90 15.36 -21.15
CA THR A 339 21.06 16.25 -21.06
C THR A 339 21.26 17.02 -19.76
N TYR A 340 22.43 16.84 -19.15
CA TYR A 340 22.83 17.53 -17.92
C TYR A 340 24.03 18.41 -18.26
N LYS A 341 24.13 19.57 -17.63
CA LYS A 341 25.26 20.46 -17.85
C LYS A 341 25.36 21.39 -16.66
N ASP A 342 26.53 21.42 -16.03
CA ASP A 342 26.74 22.29 -14.88
C ASP A 342 25.71 22.07 -13.77
N GLY A 343 25.26 20.82 -13.63
CA GLY A 343 24.28 20.50 -12.58
C GLY A 343 22.84 20.85 -12.89
N TYR A 344 22.55 21.04 -14.18
CA TYR A 344 21.20 21.38 -14.63
C TYR A 344 20.66 20.30 -15.56
N LEU A 345 19.36 20.04 -15.46
CA LEU A 345 18.68 19.08 -16.31
C LEU A 345 17.94 19.94 -17.33
N TYR A 346 18.15 19.66 -18.61
CA TYR A 346 17.51 20.43 -19.68
C TYR A 346 16.26 19.76 -20.23
N ALA A 347 15.24 20.55 -20.50
CA ALA A 347 14.00 20.02 -21.06
C ALA A 347 14.35 19.74 -22.52
N PRO A 348 14.01 18.55 -23.03
CA PRO A 348 14.32 18.19 -24.42
C PRO A 348 13.92 19.27 -25.42
N ASP A 349 14.68 19.36 -26.50
CA ASP A 349 14.44 20.32 -27.58
C ASP A 349 12.95 20.48 -27.81
N ARG A 350 12.45 21.70 -27.64
CA ARG A 350 11.03 21.99 -27.80
C ARG A 350 10.52 21.78 -29.22
N SER A 351 11.44 21.70 -30.18
CA SER A 351 11.06 21.51 -31.59
C SER A 351 10.77 20.05 -31.90
N VAL A 352 11.24 19.15 -31.03
CA VAL A 352 11.00 17.72 -31.24
C VAL A 352 9.68 17.35 -30.58
N LYS A 353 8.79 16.73 -31.35
CA LYS A 353 7.50 16.35 -30.80
C LYS A 353 7.60 15.20 -29.82
N GLY A 354 6.58 15.07 -28.98
CA GLY A 354 6.57 14.00 -28.00
C GLY A 354 7.48 14.28 -26.82
N LEU A 355 8.01 13.21 -26.24
CA LEU A 355 8.89 13.30 -25.09
C LEU A 355 10.29 13.80 -25.46
N GLY A 356 10.65 13.62 -26.72
CA GLY A 356 11.96 14.05 -27.17
C GLY A 356 13.01 12.97 -26.91
N ILE A 357 12.55 11.78 -26.59
CA ILE A 357 13.43 10.65 -26.31
C ILE A 357 12.98 9.49 -27.20
N GLU A 358 13.93 8.69 -27.65
CA GLU A 358 13.63 7.58 -28.54
C GLU A 358 14.20 6.26 -28.05
N LEU A 359 13.36 5.22 -28.01
CA LEU A 359 13.82 3.91 -27.56
C LEU A 359 14.79 3.29 -28.56
N ASP A 360 15.69 2.46 -28.05
CA ASP A 360 16.68 1.76 -28.86
C ASP A 360 16.43 0.26 -28.66
N GLU A 361 15.78 -0.35 -29.65
CA GLU A 361 15.45 -1.77 -29.59
C GLU A 361 16.62 -2.68 -29.23
N SER A 362 17.81 -2.39 -29.76
CA SER A 362 18.95 -3.24 -29.46
C SER A 362 19.29 -3.16 -27.97
N LEU A 363 19.07 -1.99 -27.38
CA LEU A 363 19.36 -1.82 -25.96
C LEU A 363 18.23 -2.40 -25.09
N LEU A 364 17.00 -2.36 -25.60
CA LEU A 364 15.87 -2.93 -24.84
C LEU A 364 16.12 -4.44 -24.72
N ALA A 365 16.58 -5.03 -25.82
CA ALA A 365 16.86 -6.47 -25.88
C ALA A 365 18.06 -6.82 -25.00
N LYS A 366 19.10 -6.02 -25.08
CA LYS A 366 20.31 -6.24 -24.29
C LYS A 366 20.03 -6.29 -22.79
N TYR A 367 19.22 -5.34 -22.31
CA TYR A 367 18.91 -5.28 -20.89
C TYR A 367 17.59 -5.94 -20.50
N GLN A 368 17.02 -6.69 -21.43
CA GLN A 368 15.76 -7.35 -21.12
C GLN A 368 15.90 -8.36 -19.99
N VAL A 369 14.85 -8.45 -19.16
CA VAL A 369 14.80 -9.36 -18.03
C VAL A 369 13.47 -10.11 -18.17
N PRO A 370 13.44 -11.40 -17.83
CA PRO A 370 12.21 -12.19 -17.94
C PRO A 370 11.00 -11.74 -17.13
N ASP A 371 11.26 -11.15 -15.96
CA ASP A 371 10.19 -10.69 -15.08
C ASP A 371 10.74 -9.69 -14.06
N LEU A 372 9.93 -9.37 -13.06
CA LEU A 372 10.34 -8.41 -12.04
C LEU A 372 10.70 -9.08 -10.71
N SER A 373 11.08 -10.35 -10.76
CA SER A 373 11.42 -11.09 -9.55
C SER A 373 12.64 -10.53 -8.82
N TRP A 374 12.67 -10.72 -7.51
CA TRP A 374 13.78 -10.25 -6.68
C TRP A 374 14.98 -11.20 -6.72
N ASP A 375 16.07 -10.78 -6.08
CA ASP A 375 17.29 -11.58 -5.98
C ASP A 375 17.63 -11.86 -4.52
N MET B 1 14.91 -26.77 16.98
CA MET B 1 13.60 -26.63 16.25
C MET B 1 13.77 -25.57 15.17
N LYS B 2 13.90 -25.98 13.91
CA LYS B 2 14.09 -25.01 12.84
C LYS B 2 13.28 -25.21 11.57
N ILE B 3 12.96 -24.09 10.92
CA ILE B 3 12.19 -24.09 9.69
C ILE B 3 13.10 -24.59 8.57
N THR B 4 12.60 -25.53 7.78
CA THR B 4 13.39 -26.10 6.70
C THR B 4 12.83 -25.91 5.31
N ASP B 5 11.53 -25.65 5.22
CA ASP B 5 10.94 -25.46 3.91
C ASP B 5 9.58 -24.75 4.01
N LEU B 6 9.07 -24.30 2.87
CA LEU B 6 7.81 -23.60 2.80
C LEU B 6 7.06 -23.97 1.53
N GLU B 7 5.74 -24.09 1.64
CA GLU B 7 4.89 -24.41 0.50
C GLU B 7 3.74 -23.41 0.42
N LEU B 8 3.45 -22.94 -0.78
CA LEU B 8 2.37 -21.98 -0.99
C LEU B 8 1.41 -22.56 -2.03
N HIS B 9 0.20 -22.90 -1.60
CA HIS B 9 -0.81 -23.47 -2.48
C HIS B 9 -1.90 -22.47 -2.84
N ALA B 10 -1.92 -22.04 -4.11
CA ALA B 10 -2.95 -21.11 -4.55
C ALA B 10 -4.23 -21.88 -4.79
N VAL B 11 -5.33 -21.39 -4.21
CA VAL B 11 -6.60 -22.08 -4.38
C VAL B 11 -7.73 -21.11 -4.74
N GLY B 12 -8.69 -21.62 -5.50
CA GLY B 12 -9.82 -20.82 -5.90
C GLY B 12 -11.10 -21.56 -5.56
N ILE B 13 -11.85 -21.01 -4.62
CA ILE B 13 -13.09 -21.64 -4.20
C ILE B 13 -14.25 -20.71 -4.51
N PRO B 14 -15.16 -21.14 -5.39
CA PRO B 14 -16.29 -20.29 -5.74
C PRO B 14 -17.27 -20.00 -4.61
N ARG B 15 -17.86 -18.82 -4.65
CA ARG B 15 -18.86 -18.46 -3.66
C ARG B 15 -20.16 -18.97 -4.23
N HIS B 16 -21.16 -19.21 -3.38
CA HIS B 16 -22.44 -19.69 -3.88
C HIS B 16 -22.94 -18.75 -4.98
N THR B 17 -22.52 -17.49 -4.90
CA THR B 17 -22.92 -16.49 -5.89
C THR B 17 -22.16 -16.60 -7.21
N GLY B 18 -21.09 -17.40 -7.22
CA GLY B 18 -20.34 -17.59 -8.44
C GLY B 18 -18.92 -17.06 -8.45
N PHE B 19 -18.71 -15.87 -7.87
CA PHE B 19 -17.38 -15.28 -7.85
C PHE B 19 -16.35 -16.21 -7.20
N VAL B 20 -15.19 -16.33 -7.84
CA VAL B 20 -14.13 -17.21 -7.34
C VAL B 20 -12.95 -16.46 -6.72
N ASN B 21 -12.97 -16.33 -5.40
CA ASN B 21 -11.90 -15.65 -4.67
C ASN B 21 -10.67 -16.54 -4.68
N LYS B 22 -9.50 -15.95 -4.61
CA LYS B 22 -8.28 -16.76 -4.58
C LYS B 22 -7.60 -16.58 -3.23
N HIS B 23 -7.12 -17.69 -2.68
CA HIS B 23 -6.44 -17.67 -1.39
C HIS B 23 -5.16 -18.47 -1.56
N VAL B 24 -4.29 -18.38 -0.56
CA VAL B 24 -3.05 -19.16 -0.59
C VAL B 24 -2.94 -19.90 0.73
N ILE B 25 -2.89 -21.22 0.65
CA ILE B 25 -2.76 -22.05 1.83
C ILE B 25 -1.26 -22.18 2.10
N VAL B 26 -0.88 -21.96 3.35
CA VAL B 26 0.51 -22.00 3.77
C VAL B 26 0.90 -23.23 4.59
N LYS B 27 2.08 -23.76 4.28
CA LYS B 27 2.65 -24.90 5.00
C LYS B 27 4.09 -24.53 5.33
N ILE B 28 4.43 -24.54 6.60
CA ILE B 28 5.79 -24.25 7.05
C ILE B 28 6.33 -25.54 7.67
N HIS B 29 7.35 -26.12 7.03
CA HIS B 29 7.94 -27.37 7.49
C HIS B 29 9.16 -27.17 8.38
N THR B 30 9.44 -28.15 9.21
CA THR B 30 10.57 -28.08 10.12
C THR B 30 11.42 -29.33 10.08
N ASP B 31 12.56 -29.28 10.78
CA ASP B 31 13.47 -30.41 10.83
C ASP B 31 12.91 -31.56 11.65
N GLU B 32 12.02 -31.27 12.58
CA GLU B 32 11.45 -32.32 13.41
C GLU B 32 10.17 -32.94 12.83
N GLY B 33 9.86 -32.59 11.58
CA GLY B 33 8.69 -33.16 10.94
C GLY B 33 7.35 -32.51 11.22
N LEU B 34 7.33 -31.47 12.06
CA LEU B 34 6.08 -30.78 12.37
C LEU B 34 5.83 -29.70 11.32
N THR B 35 4.58 -29.58 10.90
CA THR B 35 4.20 -28.61 9.88
C THR B 35 3.10 -27.68 10.37
N GLY B 36 3.29 -26.38 10.17
CA GLY B 36 2.30 -25.41 10.55
C GLY B 36 1.54 -24.99 9.32
N ILE B 37 0.21 -24.85 9.44
CA ILE B 37 -0.57 -24.44 8.29
C ILE B 37 -1.20 -23.08 8.55
N GLY B 38 -1.33 -22.29 7.48
CA GLY B 38 -1.89 -20.96 7.60
C GLY B 38 -2.62 -20.60 6.32
N GLU B 39 -3.24 -19.41 6.32
CA GLU B 39 -4.01 -18.98 5.17
C GLU B 39 -3.85 -17.51 4.81
N MET B 40 -3.36 -17.23 3.60
CA MET B 40 -3.23 -15.87 3.11
C MET B 40 -4.61 -15.67 2.49
N SER B 41 -5.54 -15.20 3.31
CA SER B 41 -6.94 -15.03 2.92
C SER B 41 -7.33 -13.92 1.94
N ASP B 42 -8.11 -14.34 0.94
CA ASP B 42 -8.67 -13.48 -0.08
C ASP B 42 -7.78 -12.41 -0.73
N PHE B 43 -7.02 -12.81 -1.75
CA PHE B 43 -6.16 -11.85 -2.47
C PHE B 43 -6.98 -11.08 -3.50
N SER B 44 -8.24 -11.47 -3.69
CA SER B 44 -9.08 -10.85 -4.68
C SER B 44 -9.64 -9.47 -4.33
N HIS B 45 -8.72 -8.54 -4.11
CA HIS B 45 -9.09 -7.16 -3.80
C HIS B 45 -8.17 -6.25 -4.60
N LEU B 46 -8.58 -5.01 -4.79
CA LEU B 46 -7.76 -4.04 -5.51
C LEU B 46 -6.56 -3.81 -4.59
N PRO B 47 -5.40 -3.38 -5.15
CA PRO B 47 -5.13 -3.10 -6.56
C PRO B 47 -5.21 -4.27 -7.52
N LEU B 48 -5.48 -3.93 -8.77
CA LEU B 48 -5.64 -4.90 -9.84
C LEU B 48 -4.36 -5.54 -10.41
N TYR B 49 -3.48 -5.99 -9.53
CA TYR B 49 -2.28 -6.69 -9.98
C TYR B 49 -2.17 -7.95 -9.13
N SER B 50 -1.37 -8.91 -9.58
CA SER B 50 -1.21 -10.15 -8.84
C SER B 50 0.25 -10.43 -8.49
N VAL B 51 0.44 -11.04 -7.33
CA VAL B 51 1.75 -11.39 -6.81
C VAL B 51 2.28 -12.71 -7.36
N ASP B 52 3.53 -12.69 -7.83
CA ASP B 52 4.20 -13.89 -8.35
C ASP B 52 4.49 -14.79 -7.15
N LEU B 53 3.85 -15.96 -7.09
CA LEU B 53 4.04 -16.87 -5.97
C LEU B 53 5.35 -17.64 -5.96
N HIS B 54 5.96 -17.81 -7.13
CA HIS B 54 7.23 -18.52 -7.18
C HIS B 54 8.29 -17.59 -6.57
N ASP B 55 8.23 -16.31 -6.93
CA ASP B 55 9.16 -15.34 -6.39
C ASP B 55 8.89 -15.16 -4.90
N LEU B 56 7.61 -15.10 -4.53
CA LEU B 56 7.22 -14.92 -3.13
C LEU B 56 7.74 -16.06 -2.26
N LYS B 57 7.66 -17.29 -2.74
CA LYS B 57 8.14 -18.41 -1.96
C LYS B 57 9.65 -18.27 -1.69
N GLN B 58 10.39 -17.80 -2.68
CA GLN B 58 11.83 -17.64 -2.50
C GLN B 58 12.14 -16.53 -1.50
N GLY B 59 11.41 -15.43 -1.59
CA GLY B 59 11.65 -14.33 -0.66
C GLY B 59 11.30 -14.72 0.77
N LEU B 60 10.19 -15.43 0.94
CA LEU B 60 9.78 -15.84 2.28
C LEU B 60 10.70 -16.89 2.87
N LEU B 61 11.19 -17.79 2.02
CA LEU B 61 12.12 -18.82 2.48
C LEU B 61 13.42 -18.18 2.93
N SER B 62 13.88 -17.17 2.20
CA SER B 62 15.12 -16.49 2.56
C SER B 62 14.99 -15.89 3.95
N ILE B 63 13.78 -15.47 4.29
CA ILE B 63 13.51 -14.90 5.60
C ILE B 63 13.41 -15.98 6.69
N LEU B 64 12.59 -17.00 6.43
CA LEU B 64 12.31 -18.07 7.38
C LEU B 64 13.29 -19.23 7.50
N LEU B 65 13.97 -19.57 6.41
CA LEU B 65 14.90 -20.70 6.45
C LEU B 65 15.82 -20.71 7.68
N GLY B 66 15.83 -21.83 8.38
CA GLY B 66 16.69 -22.00 9.55
C GLY B 66 16.28 -21.31 10.84
N GLN B 67 15.19 -20.57 10.82
CA GLN B 67 14.74 -19.87 12.02
C GLN B 67 13.97 -20.74 13.00
N ASN B 68 13.97 -20.30 14.25
CA ASN B 68 13.25 -20.97 15.34
C ASN B 68 11.84 -20.39 15.33
N PRO B 69 10.82 -21.21 15.00
CA PRO B 69 9.43 -20.73 14.96
C PRO B 69 8.93 -20.03 16.22
N PHE B 70 9.61 -20.24 17.34
CA PHE B 70 9.21 -19.61 18.59
C PHE B 70 9.64 -18.14 18.67
N ASP B 71 10.54 -17.73 17.79
CA ASP B 71 10.99 -16.34 17.77
C ASP B 71 9.96 -15.53 16.99
N LEU B 72 8.73 -15.49 17.49
CA LEU B 72 7.66 -14.76 16.82
C LEU B 72 7.93 -13.25 16.72
N MET B 73 8.47 -12.66 17.77
CA MET B 73 8.73 -11.22 17.73
C MET B 73 9.81 -10.91 16.68
N LYS B 74 10.87 -11.73 16.64
CA LYS B 74 11.95 -11.54 15.68
C LYS B 74 11.46 -11.75 14.26
N ILE B 75 10.74 -12.84 14.03
CA ILE B 75 10.24 -13.14 12.68
C ILE B 75 9.24 -12.11 12.19
N ASN B 76 8.31 -11.70 13.05
CA ASN B 76 7.33 -10.71 12.63
C ASN B 76 7.99 -9.39 12.28
N LYS B 77 9.06 -9.06 13.00
CA LYS B 77 9.79 -7.82 12.72
C LYS B 77 10.41 -7.91 11.32
N GLU B 78 11.01 -9.06 11.00
CA GLU B 78 11.60 -9.24 9.69
C GLU B 78 10.53 -9.26 8.60
N LEU B 79 9.35 -9.80 8.93
CA LEU B 79 8.27 -9.83 7.96
C LEU B 79 7.82 -8.40 7.65
N THR B 80 7.68 -7.60 8.71
CA THR B 80 7.28 -6.21 8.55
C THR B 80 8.35 -5.39 7.82
N ASP B 81 9.62 -5.73 8.03
CA ASP B 81 10.71 -5.01 7.35
C ASP B 81 10.63 -5.24 5.84
N ASN B 82 10.24 -6.45 5.43
CA ASN B 82 10.15 -6.75 4.02
C ASN B 82 8.78 -6.46 3.41
N PHE B 83 7.76 -6.43 4.26
CA PHE B 83 6.39 -6.16 3.83
C PHE B 83 5.82 -5.06 4.75
N PRO B 84 6.24 -3.81 4.51
CA PRO B 84 5.82 -2.65 5.30
C PRO B 84 4.31 -2.39 5.34
N GLU B 85 3.84 -1.81 6.45
CA GLU B 85 2.43 -1.46 6.58
C GLU B 85 2.25 -0.24 5.68
N THR B 86 1.10 -0.14 5.02
CA THR B 86 0.86 0.95 4.08
C THR B 86 -0.41 1.76 4.31
N MET B 87 -1.02 1.66 5.49
CA MET B 87 -2.26 2.38 5.78
C MET B 87 -3.33 2.15 4.70
N TYR B 88 -3.19 1.06 3.97
CA TYR B 88 -4.17 0.71 2.95
C TYR B 88 -4.92 -0.53 3.43
N TYR B 89 -6.23 -0.47 3.36
CA TYR B 89 -7.12 -1.55 3.80
C TYR B 89 -6.73 -2.92 3.24
N TYR B 90 -6.57 -3.02 1.92
CA TYR B 90 -6.26 -4.29 1.30
C TYR B 90 -4.82 -4.50 0.83
N GLU B 91 -3.85 -4.07 1.63
CA GLU B 91 -2.44 -4.26 1.28
C GLU B 91 -2.14 -5.75 1.24
N LYS B 92 -1.76 -6.26 0.06
CA LYS B 92 -1.47 -7.67 -0.09
C LYS B 92 -0.38 -8.17 0.84
N GLY B 93 0.54 -7.29 1.25
CA GLY B 93 1.59 -7.69 2.16
C GLY B 93 1.02 -8.13 3.49
N SER B 94 -0.09 -7.53 3.88
CA SER B 94 -0.74 -7.89 5.14
C SER B 94 -1.26 -9.32 5.07
N PHE B 95 -1.87 -9.68 3.93
CA PHE B 95 -2.41 -11.02 3.76
C PHE B 95 -1.28 -12.04 3.84
N ILE B 96 -0.14 -11.66 3.24
CA ILE B 96 1.05 -12.50 3.21
C ILE B 96 1.60 -12.75 4.61
N ARG B 97 1.86 -11.68 5.36
CA ARG B 97 2.37 -11.83 6.72
C ARG B 97 1.39 -12.63 7.56
N ASN B 98 0.10 -12.38 7.36
CA ASN B 98 -0.95 -13.09 8.10
C ASN B 98 -0.80 -14.61 7.95
N GLY B 99 -0.73 -15.07 6.70
CA GLY B 99 -0.59 -16.50 6.46
C GLY B 99 0.61 -17.12 7.16
N ILE B 100 1.74 -16.42 7.11
CA ILE B 100 2.96 -16.91 7.74
C ILE B 100 2.86 -16.94 9.27
N ASP B 101 2.54 -15.79 9.86
CA ASP B 101 2.44 -15.72 11.31
C ASP B 101 1.39 -16.70 11.85
N ASN B 102 0.28 -16.85 11.15
CA ASN B 102 -0.75 -17.78 11.60
C ASN B 102 -0.24 -19.21 11.54
N ALA B 103 0.53 -19.53 10.50
CA ALA B 103 1.10 -20.87 10.38
C ALA B 103 2.09 -21.11 11.51
N LEU B 104 2.83 -20.06 11.89
CA LEU B 104 3.79 -20.17 12.97
C LEU B 104 3.11 -20.47 14.30
N HIS B 105 1.91 -19.91 14.49
CA HIS B 105 1.18 -20.17 15.73
C HIS B 105 0.78 -21.64 15.77
N ASP B 106 0.25 -22.13 14.65
CA ASP B 106 -0.15 -23.52 14.54
C ASP B 106 1.05 -24.43 14.81
N LEU B 107 2.17 -24.12 14.15
CA LEU B 107 3.41 -24.89 14.30
C LEU B 107 3.87 -24.94 15.75
N CYS B 108 3.98 -23.77 16.39
CA CYS B 108 4.43 -23.71 17.78
C CYS B 108 3.52 -24.50 18.72
N ALA B 109 2.20 -24.32 18.55
CA ALA B 109 1.24 -25.02 19.38
C ALA B 109 1.36 -26.52 19.19
N LYS B 110 1.54 -26.96 17.94
CA LYS B 110 1.67 -28.39 17.67
C LYS B 110 2.91 -28.93 18.38
N TYR B 111 4.02 -28.19 18.31
CA TYR B 111 5.25 -28.59 18.97
C TYR B 111 5.06 -28.77 20.47
N LEU B 112 4.31 -27.85 21.08
CA LEU B 112 4.06 -27.89 22.53
C LEU B 112 2.91 -28.82 22.89
N ASP B 113 2.27 -29.39 21.87
CA ASP B 113 1.14 -30.28 22.07
C ASP B 113 0.02 -29.58 22.84
N ILE B 114 -0.31 -28.37 22.41
CA ILE B 114 -1.38 -27.60 23.03
C ILE B 114 -2.19 -26.90 21.96
N SER B 115 -3.41 -26.50 22.29
CA SER B 115 -4.24 -25.78 21.33
C SER B 115 -3.68 -24.39 21.15
N VAL B 116 -3.92 -23.80 19.97
CA VAL B 116 -3.47 -22.44 19.73
C VAL B 116 -4.11 -21.55 20.80
N SER B 117 -5.30 -21.94 21.28
CA SER B 117 -5.99 -21.17 22.31
C SER B 117 -5.11 -20.98 23.53
N ASP B 118 -4.42 -22.04 23.93
CA ASP B 118 -3.57 -21.97 25.10
C ASP B 118 -2.22 -21.33 24.87
N PHE B 119 -1.94 -21.00 23.62
CA PHE B 119 -0.68 -20.34 23.26
C PHE B 119 -0.97 -18.84 23.16
N LEU B 120 -2.27 -18.50 23.11
CA LEU B 120 -2.74 -17.12 22.98
C LEU B 120 -3.29 -16.49 24.26
N GLY B 121 -3.21 -17.19 25.38
CA GLY B 121 -3.73 -16.60 26.61
C GLY B 121 -4.90 -17.35 27.22
N GLY B 122 -5.23 -18.50 26.63
CA GLY B 122 -6.31 -19.30 27.16
C GLY B 122 -7.71 -18.91 26.71
N ARG B 123 -8.69 -19.34 27.49
CA ARG B 123 -10.10 -19.08 27.20
C ARG B 123 -10.79 -18.15 28.19
N VAL B 124 -11.64 -17.28 27.67
CA VAL B 124 -12.43 -16.36 28.49
C VAL B 124 -13.87 -16.83 28.29
N LYS B 125 -14.12 -17.41 27.12
CA LYS B 125 -15.43 -17.94 26.73
C LYS B 125 -15.16 -19.05 25.74
N GLU B 126 -16.17 -19.86 25.44
CA GLU B 126 -15.99 -20.97 24.52
C GLU B 126 -16.49 -20.67 23.11
N LYS B 127 -17.13 -19.53 22.92
CA LYS B 127 -17.65 -19.16 21.62
C LYS B 127 -17.91 -17.66 21.57
N ILE B 128 -18.06 -17.13 20.36
CA ILE B 128 -18.34 -15.71 20.19
C ILE B 128 -19.46 -15.53 19.17
N LYS B 129 -20.37 -14.61 19.45
CA LYS B 129 -21.48 -14.35 18.56
C LYS B 129 -20.98 -13.71 17.27
N VAL B 130 -21.52 -14.15 16.14
CA VAL B 130 -21.14 -13.60 14.85
C VAL B 130 -22.39 -13.27 14.04
N CYS B 131 -22.20 -12.66 12.87
CA CYS B 131 -23.34 -12.30 12.04
C CYS B 131 -23.10 -12.65 10.59
N TYR B 132 -24.19 -12.81 9.85
CA TYR B 132 -24.12 -13.12 8.44
C TYR B 132 -24.31 -11.81 7.69
N PRO B 133 -23.55 -11.60 6.61
CA PRO B 133 -23.65 -10.37 5.84
C PRO B 133 -24.70 -10.29 4.74
N ILE B 134 -25.37 -9.15 4.68
CA ILE B 134 -26.35 -8.88 3.65
C ILE B 134 -25.69 -7.72 2.91
N PHE B 135 -25.17 -8.01 1.72
CA PHE B 135 -24.47 -7.00 0.94
C PHE B 135 -25.37 -5.89 0.43
N ARG B 136 -24.81 -4.70 0.22
CA ARG B 136 -25.58 -3.54 -0.19
C ARG B 136 -26.48 -3.65 -1.42
N HIS B 137 -27.66 -3.06 -1.28
CA HIS B 137 -28.65 -3.04 -2.35
C HIS B 137 -28.30 -1.89 -3.30
N ARG B 138 -28.45 -2.13 -4.60
CA ARG B 138 -28.19 -1.09 -5.57
C ARG B 138 -29.53 -0.69 -6.18
N PHE B 139 -30.46 -1.65 -6.18
CA PHE B 139 -31.80 -1.43 -6.70
C PHE B 139 -32.81 -2.02 -5.71
N SER B 140 -33.95 -1.37 -5.56
CA SER B 140 -34.99 -1.84 -4.64
C SER B 140 -35.47 -3.24 -5.02
N GLU B 141 -35.22 -3.61 -6.28
CA GLU B 141 -35.62 -4.92 -6.78
C GLU B 141 -34.91 -6.05 -6.06
N GLU B 142 -33.80 -5.75 -5.42
CA GLU B 142 -33.00 -6.75 -4.71
C GLU B 142 -33.49 -7.04 -3.29
N VAL B 143 -34.36 -6.20 -2.75
CA VAL B 143 -34.87 -6.39 -1.40
C VAL B 143 -35.51 -7.76 -1.19
N GLU B 144 -36.31 -8.20 -2.16
CA GLU B 144 -36.98 -9.49 -2.08
C GLU B 144 -35.96 -10.60 -1.91
N SER B 145 -34.95 -10.58 -2.78
CA SER B 145 -33.88 -11.58 -2.76
C SER B 145 -33.19 -11.66 -1.40
N ASN B 146 -32.81 -10.51 -0.86
CA ASN B 146 -32.13 -10.46 0.44
C ASN B 146 -33.03 -10.91 1.58
N LEU B 147 -34.34 -10.71 1.44
CA LEU B 147 -35.27 -11.13 2.47
C LEU B 147 -35.31 -12.66 2.50
N ASP B 148 -35.15 -13.28 1.34
CA ASP B 148 -35.14 -14.74 1.25
C ASP B 148 -33.87 -15.25 1.92
N VAL B 149 -32.81 -14.45 1.81
CA VAL B 149 -31.54 -14.82 2.40
C VAL B 149 -31.69 -14.84 3.92
N VAL B 150 -32.29 -13.80 4.46
CA VAL B 150 -32.49 -13.71 5.90
C VAL B 150 -33.35 -14.86 6.42
N ARG B 151 -34.41 -15.17 5.70
CA ARG B 151 -35.29 -16.25 6.12
C ARG B 151 -34.56 -17.57 6.15
N GLN B 152 -33.75 -17.84 5.12
CA GLN B 152 -32.99 -19.08 5.06
C GLN B 152 -31.91 -19.14 6.14
N LYS B 153 -31.15 -18.06 6.28
CA LYS B 153 -30.08 -18.03 7.28
C LYS B 153 -30.64 -18.04 8.70
N LEU B 154 -31.81 -17.46 8.91
CA LEU B 154 -32.42 -17.47 10.24
C LEU B 154 -32.83 -18.89 10.54
N GLU B 155 -33.38 -19.56 9.53
CA GLU B 155 -33.81 -20.94 9.67
C GLU B 155 -32.60 -21.79 10.06
N GLN B 156 -31.43 -21.44 9.54
CA GLN B 156 -30.20 -22.16 9.82
C GLN B 156 -29.55 -21.74 11.13
N GLY B 157 -30.19 -20.84 11.87
CA GLY B 157 -29.65 -20.41 13.15
C GLY B 157 -29.02 -19.03 13.25
N PHE B 158 -28.80 -18.36 12.12
CA PHE B 158 -28.21 -17.04 12.16
C PHE B 158 -29.29 -16.00 12.39
N ASP B 159 -29.40 -15.53 13.63
CA ASP B 159 -30.41 -14.53 13.97
C ASP B 159 -29.85 -13.10 13.97
N VAL B 160 -28.56 -12.98 13.68
CA VAL B 160 -27.92 -11.66 13.63
C VAL B 160 -27.21 -11.46 12.28
N PHE B 161 -27.39 -10.27 11.72
CA PHE B 161 -26.79 -9.94 10.44
C PHE B 161 -26.14 -8.57 10.53
N ARG B 162 -25.43 -8.20 9.47
CA ARG B 162 -24.82 -6.89 9.34
C ARG B 162 -25.23 -6.48 7.93
N LEU B 163 -25.66 -5.25 7.77
CA LEU B 163 -26.11 -4.77 6.47
C LEU B 163 -25.19 -3.72 5.90
N TYR B 164 -24.75 -3.95 4.67
CA TYR B 164 -23.89 -2.99 3.99
C TYR B 164 -24.85 -2.00 3.36
N VAL B 165 -24.58 -0.71 3.57
CA VAL B 165 -25.46 0.33 3.07
C VAL B 165 -24.69 1.46 2.41
N GLY B 166 -25.43 2.47 1.93
CA GLY B 166 -24.80 3.61 1.32
C GLY B 166 -25.00 3.81 -0.18
N LYS B 167 -25.36 2.74 -0.89
CA LYS B 167 -25.56 2.84 -2.33
C LYS B 167 -26.93 3.37 -2.70
N ASN B 168 -27.96 2.75 -2.14
CA ASN B 168 -29.34 3.14 -2.42
C ASN B 168 -30.09 3.22 -1.10
N LEU B 169 -30.03 4.37 -0.44
CA LEU B 169 -30.71 4.54 0.84
C LEU B 169 -32.19 4.14 0.76
N ASP B 170 -32.81 4.35 -0.40
CA ASP B 170 -34.21 3.97 -0.57
C ASP B 170 -34.31 2.46 -0.39
N ALA B 171 -33.41 1.75 -1.07
CA ALA B 171 -33.38 0.29 -1.00
C ALA B 171 -33.03 -0.18 0.41
N ASP B 172 -31.99 0.40 1.00
CA ASP B 172 -31.57 0.01 2.36
C ASP B 172 -32.77 0.17 3.28
N GLU B 173 -33.47 1.28 3.11
CA GLU B 173 -34.64 1.62 3.91
C GLU B 173 -35.77 0.61 3.70
N GLU B 174 -36.03 0.26 2.44
CA GLU B 174 -37.09 -0.70 2.13
C GLU B 174 -36.77 -2.04 2.78
N PHE B 175 -35.54 -2.50 2.61
CA PHE B 175 -35.11 -3.76 3.19
C PHE B 175 -35.31 -3.78 4.70
N LEU B 176 -34.81 -2.73 5.37
CA LEU B 176 -34.95 -2.64 6.82
C LEU B 176 -36.42 -2.66 7.24
N SER B 177 -37.26 -2.03 6.44
CA SER B 177 -38.70 -1.98 6.74
C SER B 177 -39.31 -3.38 6.59
N ARG B 178 -39.00 -4.04 5.48
CA ARG B 178 -39.51 -5.37 5.21
C ARG B 178 -39.05 -6.41 6.23
N VAL B 179 -37.82 -6.25 6.73
CA VAL B 179 -37.29 -7.17 7.73
C VAL B 179 -37.99 -6.99 9.06
N LYS B 180 -38.19 -5.75 9.47
CA LYS B 180 -38.86 -5.47 10.72
C LYS B 180 -40.29 -5.96 10.60
N GLU B 181 -40.85 -5.82 9.41
CA GLU B 181 -42.21 -6.25 9.12
C GLU B 181 -42.38 -7.77 9.22
N GLU B 182 -41.61 -8.50 8.43
CA GLU B 182 -41.70 -9.95 8.42
C GLU B 182 -41.17 -10.68 9.65
N PHE B 183 -39.98 -10.30 10.11
CA PHE B 183 -39.38 -10.99 11.25
C PHE B 183 -39.49 -10.32 12.62
N GLY B 184 -39.69 -9.01 12.65
CA GLY B 184 -39.80 -8.33 13.91
C GLY B 184 -38.52 -8.50 14.71
N SER B 185 -38.65 -8.87 15.98
CA SER B 185 -37.48 -9.06 16.84
C SER B 185 -36.85 -10.45 16.69
N ARG B 186 -37.31 -11.22 15.71
CA ARG B 186 -36.76 -12.55 15.47
C ARG B 186 -35.33 -12.41 14.93
N VAL B 187 -35.06 -11.29 14.28
CA VAL B 187 -33.72 -11.05 13.71
C VAL B 187 -33.16 -9.69 14.11
N ARG B 188 -31.84 -9.63 14.21
CA ARG B 188 -31.15 -8.40 14.57
C ARG B 188 -30.12 -8.04 13.50
N ILE B 189 -29.99 -6.75 13.24
CA ILE B 189 -29.03 -6.24 12.28
C ILE B 189 -28.13 -5.38 13.16
N LYS B 190 -27.03 -5.98 13.62
CA LYS B 190 -26.10 -5.32 14.53
C LYS B 190 -25.26 -4.20 13.95
N SER B 191 -25.18 -4.10 12.64
CA SER B 191 -24.37 -3.04 12.04
C SER B 191 -24.83 -2.57 10.68
N TYR B 192 -24.66 -1.28 10.44
CA TYR B 192 -24.97 -0.68 9.15
C TYR B 192 -23.56 -0.27 8.76
N ASP B 193 -23.03 -0.92 7.72
CA ASP B 193 -21.68 -0.71 7.23
C ASP B 193 -21.65 0.07 5.92
N PHE B 194 -21.03 1.24 5.96
CA PHE B 194 -20.94 2.13 4.79
C PHE B 194 -19.73 1.84 3.91
N SER B 195 -18.85 0.96 4.37
CA SER B 195 -17.66 0.59 3.60
C SER B 195 -16.91 1.79 3.00
N HIS B 196 -16.79 2.86 3.77
CA HIS B 196 -16.06 4.06 3.35
C HIS B 196 -16.60 4.75 2.10
N LEU B 197 -17.83 4.42 1.69
CA LEU B 197 -18.41 5.00 0.48
C LEU B 197 -18.84 6.46 0.55
N LEU B 198 -19.18 6.94 1.74
CA LEU B 198 -19.65 8.32 1.88
C LEU B 198 -18.76 9.21 2.73
N ASN B 199 -18.74 10.50 2.41
CA ASN B 199 -17.98 11.46 3.21
C ASN B 199 -18.78 11.49 4.51
N TRP B 200 -18.17 11.87 5.62
CA TRP B 200 -18.88 11.84 6.90
C TRP B 200 -20.18 12.61 7.00
N LYS B 201 -20.29 13.77 6.35
CA LYS B 201 -21.54 14.51 6.41
C LYS B 201 -22.65 13.73 5.69
N ASP B 202 -22.34 13.14 4.54
CA ASP B 202 -23.37 12.37 3.85
C ASP B 202 -23.76 11.13 4.64
N ALA B 203 -22.79 10.51 5.31
CA ALA B 203 -23.07 9.33 6.13
C ALA B 203 -23.98 9.75 7.29
N HIS B 204 -23.73 10.93 7.84
CA HIS B 204 -24.55 11.42 8.95
C HIS B 204 -26.02 11.46 8.52
N ARG B 205 -26.29 11.97 7.32
CA ARG B 205 -27.66 12.05 6.81
C ARG B 205 -28.23 10.64 6.66
N ALA B 206 -27.43 9.72 6.11
CA ALA B 206 -27.87 8.35 5.92
C ALA B 206 -28.20 7.70 7.26
N ILE B 207 -27.28 7.85 8.21
CA ILE B 207 -27.45 7.30 9.55
C ILE B 207 -28.75 7.75 10.18
N LYS B 208 -29.05 9.04 10.07
CA LYS B 208 -30.25 9.61 10.63
C LYS B 208 -31.52 8.93 10.14
N ARG B 209 -31.58 8.61 8.84
CA ARG B 209 -32.77 7.96 8.33
C ARG B 209 -32.74 6.44 8.48
N LEU B 210 -31.56 5.85 8.37
CA LEU B 210 -31.45 4.40 8.51
C LEU B 210 -31.69 3.94 9.95
N THR B 211 -31.22 4.71 10.91
CA THR B 211 -31.42 4.33 12.31
C THR B 211 -32.84 4.55 12.81
N LYS B 212 -33.74 4.89 11.91
CA LYS B 212 -35.14 5.03 12.30
C LYS B 212 -35.52 3.58 12.58
N TYR B 213 -34.74 2.67 12.00
CA TYR B 213 -34.93 1.25 12.16
C TYR B 213 -33.82 0.75 13.09
N ASP B 214 -34.21 0.22 14.24
CA ASP B 214 -33.25 -0.30 15.21
C ASP B 214 -33.60 -1.72 15.61
N LEU B 215 -33.03 -2.68 14.90
CA LEU B 215 -33.25 -4.10 15.18
C LEU B 215 -32.01 -4.63 15.89
N GLY B 216 -31.83 -4.22 17.14
CA GLY B 216 -30.67 -4.67 17.88
C GLY B 216 -29.40 -4.04 17.32
N LEU B 217 -29.53 -2.83 16.78
CA LEU B 217 -28.38 -2.14 16.21
C LEU B 217 -27.29 -1.96 17.26
N GLU B 218 -26.07 -2.35 16.90
CA GLU B 218 -24.94 -2.26 17.81
C GLU B 218 -23.90 -1.23 17.43
N MET B 219 -23.77 -0.97 16.13
CA MET B 219 -22.75 -0.05 15.69
C MET B 219 -22.96 0.42 14.25
N ILE B 220 -22.25 1.49 13.90
CA ILE B 220 -22.26 2.04 12.54
C ILE B 220 -20.80 1.87 12.16
N GLU B 221 -20.53 1.12 11.08
CA GLU B 221 -19.16 0.87 10.67
C GLU B 221 -18.70 1.61 9.41
N SER B 222 -17.45 2.08 9.46
CA SER B 222 -16.81 2.79 8.36
C SER B 222 -17.62 3.92 7.73
N PRO B 223 -18.22 4.80 8.56
CA PRO B 223 -19.03 5.92 8.06
C PRO B 223 -18.23 7.13 7.57
N ALA B 224 -16.97 6.91 7.21
CA ALA B 224 -16.12 7.98 6.70
C ALA B 224 -15.11 7.37 5.73
N PRO B 225 -14.52 8.20 4.85
CA PRO B 225 -13.54 7.71 3.88
C PRO B 225 -12.36 7.08 4.61
N ARG B 226 -11.67 6.16 3.94
CA ARG B 226 -10.52 5.50 4.56
C ARG B 226 -9.51 6.50 5.10
N ASN B 227 -9.15 6.33 6.38
CA ASN B 227 -8.18 7.17 7.06
C ASN B 227 -8.65 8.60 7.40
N ASP B 228 -9.95 8.86 7.26
CA ASP B 228 -10.49 10.18 7.59
C ASP B 228 -10.77 10.18 9.10
N PHE B 229 -9.72 10.35 9.88
CA PHE B 229 -9.82 10.33 11.34
C PHE B 229 -10.66 11.48 11.91
N ASP B 230 -10.47 12.67 11.35
CA ASP B 230 -11.23 13.83 11.81
C ASP B 230 -12.71 13.64 11.51
N GLY B 231 -13.00 13.02 10.37
CA GLY B 231 -14.38 12.78 9.98
C GLY B 231 -15.03 11.78 10.93
N LEU B 232 -14.31 10.72 11.26
CA LEU B 232 -14.83 9.71 12.17
C LEU B 232 -15.15 10.37 13.52
N TYR B 233 -14.22 11.18 14.00
CA TYR B 233 -14.39 11.88 15.27
C TYR B 233 -15.65 12.75 15.27
N GLN B 234 -15.77 13.64 14.30
CA GLN B 234 -16.92 14.52 14.21
C GLN B 234 -18.21 13.70 14.19
N LEU B 235 -18.16 12.57 13.51
CA LEU B 235 -19.32 11.71 13.41
C LEU B 235 -19.54 10.92 14.70
N ARG B 236 -18.46 10.69 15.45
CA ARG B 236 -18.58 9.96 16.71
C ARG B 236 -19.32 10.84 17.70
N LEU B 237 -19.13 12.15 17.57
CA LEU B 237 -19.74 13.15 18.44
C LEU B 237 -21.23 13.36 18.16
N LYS B 238 -21.64 13.22 16.91
CA LYS B 238 -23.02 13.43 16.52
C LYS B 238 -23.88 12.16 16.53
N THR B 239 -23.22 11.00 16.62
CA THR B 239 -23.94 9.74 16.61
C THR B 239 -24.04 9.09 17.98
N ASP B 240 -25.25 8.70 18.38
CA ASP B 240 -25.45 8.04 19.66
C ASP B 240 -24.81 6.66 19.65
N TYR B 241 -24.97 5.98 18.53
CA TYR B 241 -24.46 4.63 18.34
C TYR B 241 -22.94 4.60 18.25
N PRO B 242 -22.34 3.50 18.70
CA PRO B 242 -20.88 3.37 18.65
C PRO B 242 -20.42 3.37 17.20
N ILE B 243 -19.27 3.96 16.95
CA ILE B 243 -18.71 3.98 15.60
C ILE B 243 -17.56 2.96 15.60
N SER B 244 -17.56 2.08 14.60
CA SER B 244 -16.51 1.07 14.48
C SER B 244 -15.78 1.27 13.18
N GLU B 245 -14.50 0.90 13.16
CA GLU B 245 -13.70 1.01 11.96
C GLU B 245 -12.69 -0.12 11.97
N HIS B 246 -12.33 -0.57 10.78
CA HIS B 246 -11.38 -1.65 10.61
C HIS B 246 -9.98 -1.12 10.92
N VAL B 247 -9.12 -2.01 11.40
CA VAL B 247 -7.75 -1.65 11.72
C VAL B 247 -6.86 -2.29 10.64
N TRP B 248 -6.21 -1.47 9.82
CA TRP B 248 -5.35 -2.03 8.78
C TRP B 248 -3.85 -1.75 8.94
N SER B 249 -3.49 -0.97 9.96
CA SER B 249 -2.10 -0.69 10.26
C SER B 249 -1.99 -0.05 11.63
N PHE B 250 -0.85 -0.22 12.28
CA PHE B 250 -0.65 0.35 13.62
C PHE B 250 -0.71 1.88 13.59
N LYS B 251 -0.18 2.50 12.53
CA LYS B 251 -0.19 3.95 12.41
C LYS B 251 -1.63 4.46 12.38
N GLN B 252 -2.46 3.79 11.58
CA GLN B 252 -3.86 4.16 11.46
C GLN B 252 -4.55 3.99 12.82
N GLN B 253 -4.31 2.85 13.46
CA GLN B 253 -4.92 2.59 14.76
C GLN B 253 -4.43 3.60 15.81
N GLN B 254 -3.15 3.91 15.81
CA GLN B 254 -2.58 4.88 16.75
C GLN B 254 -3.30 6.22 16.61
N GLU B 255 -3.50 6.66 15.37
CA GLU B 255 -4.18 7.93 15.12
C GLU B 255 -5.63 7.92 15.58
N MET B 256 -6.33 6.81 15.38
CA MET B 256 -7.73 6.73 15.79
C MET B 256 -7.83 6.73 17.31
N ILE B 257 -6.81 6.22 17.99
CA ILE B 257 -6.80 6.22 19.45
C ILE B 257 -6.50 7.63 19.93
N LYS B 258 -5.43 8.22 19.40
CA LYS B 258 -5.02 9.57 19.76
C LYS B 258 -6.16 10.57 19.65
N LYS B 259 -6.93 10.49 18.57
CA LYS B 259 -8.04 11.41 18.36
C LYS B 259 -9.37 10.93 18.91
N ASP B 260 -9.36 9.74 19.53
CA ASP B 260 -10.59 9.17 20.07
C ASP B 260 -11.66 9.26 18.99
N ALA B 261 -11.29 8.84 17.79
CA ALA B 261 -12.17 8.90 16.64
C ALA B 261 -13.25 7.84 16.57
N ILE B 262 -13.03 6.68 17.20
CA ILE B 262 -14.03 5.61 17.14
C ILE B 262 -14.29 4.97 18.50
N ASP B 263 -15.35 4.17 18.56
CA ASP B 263 -15.69 3.50 19.81
C ASP B 263 -15.31 2.02 19.80
N ILE B 264 -15.41 1.40 18.64
CA ILE B 264 -15.10 -0.02 18.51
C ILE B 264 -14.05 -0.26 17.43
N PHE B 265 -13.02 -1.02 17.78
CA PHE B 265 -11.97 -1.34 16.82
C PHE B 265 -12.26 -2.70 16.22
N ASN B 266 -12.44 -2.73 14.91
CA ASN B 266 -12.73 -3.96 14.20
C ASN B 266 -11.38 -4.52 13.77
N ILE B 267 -11.00 -5.62 14.41
CA ILE B 267 -9.71 -6.26 14.16
C ILE B 267 -9.85 -7.63 13.49
N SER B 268 -9.06 -7.85 12.44
CA SER B 268 -9.07 -9.11 11.71
C SER B 268 -7.61 -9.41 11.34
N PRO B 269 -7.10 -10.58 11.70
CA PRO B 269 -5.71 -10.93 11.38
C PRO B 269 -5.25 -10.61 9.96
N VAL B 270 -6.07 -10.96 8.97
CA VAL B 270 -5.71 -10.75 7.57
C VAL B 270 -5.38 -9.30 7.19
N PHE B 271 -6.09 -8.34 7.78
CA PHE B 271 -5.84 -6.94 7.47
C PHE B 271 -4.71 -6.30 8.28
N ILE B 272 -4.27 -6.97 9.34
CA ILE B 272 -3.21 -6.39 10.16
C ILE B 272 -1.91 -7.20 10.16
N GLY B 273 -1.87 -8.31 9.42
CA GLY B 273 -0.64 -9.08 9.35
C GLY B 273 -0.52 -10.35 10.15
N GLY B 274 -1.63 -10.84 10.70
CA GLY B 274 -1.59 -12.08 11.46
C GLY B 274 -2.02 -11.98 12.92
N LEU B 275 -2.01 -13.12 13.59
CA LEU B 275 -2.39 -13.22 15.00
C LEU B 275 -1.50 -12.42 15.93
N THR B 276 -0.20 -12.42 15.66
CA THR B 276 0.73 -11.68 16.49
C THR B 276 0.39 -10.19 16.43
N SER B 277 0.14 -9.70 15.23
CA SER B 277 -0.19 -8.30 15.02
C SER B 277 -1.58 -7.98 15.54
N ALA B 278 -2.52 -8.90 15.32
CA ALA B 278 -3.91 -8.72 15.77
C ALA B 278 -3.97 -8.67 17.30
N LYS B 279 -3.14 -9.47 17.97
CA LYS B 279 -3.12 -9.46 19.43
C LYS B 279 -2.60 -8.10 19.91
N LYS B 280 -1.56 -7.61 19.26
CA LYS B 280 -1.00 -6.32 19.65
C LYS B 280 -2.06 -5.24 19.46
N ALA B 281 -2.79 -5.31 18.36
CA ALA B 281 -3.84 -4.32 18.09
C ALA B 281 -4.94 -4.40 19.15
N ALA B 282 -5.32 -5.62 19.52
CA ALA B 282 -6.38 -5.82 20.51
C ALA B 282 -5.94 -5.31 21.88
N TYR B 283 -4.70 -5.60 22.23
CA TYR B 283 -4.17 -5.18 23.51
C TYR B 283 -4.03 -3.65 23.55
N ALA B 284 -3.67 -3.05 22.42
CA ALA B 284 -3.55 -1.59 22.38
C ALA B 284 -4.93 -0.99 22.64
N ALA B 285 -5.96 -1.61 22.08
CA ALA B 285 -7.33 -1.14 22.27
C ALA B 285 -7.69 -1.27 23.74
N GLU B 286 -7.25 -2.37 24.35
CA GLU B 286 -7.51 -2.64 25.76
C GLU B 286 -6.85 -1.59 26.65
N VAL B 287 -5.59 -1.26 26.37
CA VAL B 287 -4.88 -0.28 27.18
C VAL B 287 -5.63 1.06 27.07
N ALA B 288 -6.26 1.29 25.91
CA ALA B 288 -7.00 2.52 25.66
C ALA B 288 -8.45 2.46 26.14
N SER B 289 -8.82 1.36 26.80
CA SER B 289 -10.18 1.16 27.29
C SER B 289 -11.21 1.16 26.18
N LYS B 290 -10.85 0.61 25.03
CA LYS B 290 -11.76 0.56 23.88
C LYS B 290 -12.20 -0.87 23.57
N ASP B 291 -13.41 -0.99 23.05
CA ASP B 291 -14.00 -2.27 22.68
C ASP B 291 -13.43 -2.77 21.35
N VAL B 292 -13.52 -4.08 21.15
CA VAL B 292 -13.03 -4.73 19.93
C VAL B 292 -14.08 -5.68 19.39
N VAL B 293 -14.09 -5.86 18.07
CA VAL B 293 -14.97 -6.83 17.42
C VAL B 293 -14.11 -7.46 16.34
N LEU B 294 -14.30 -8.76 16.08
CA LEU B 294 -13.51 -9.40 15.04
C LEU B 294 -14.14 -9.21 13.68
N GLY B 295 -13.34 -8.73 12.73
CA GLY B 295 -13.84 -8.49 11.37
C GLY B 295 -13.52 -9.64 10.44
N THR B 296 -13.77 -9.45 9.15
CA THR B 296 -13.52 -10.53 8.21
C THR B 296 -13.32 -10.06 6.77
N THR B 297 -12.65 -10.89 5.98
CA THR B 297 -12.44 -10.62 4.56
C THR B 297 -13.10 -11.80 3.84
N GLN B 298 -13.78 -12.63 4.64
CA GLN B 298 -14.45 -13.84 4.17
C GLN B 298 -13.37 -14.90 3.99
N GLU B 299 -12.73 -15.30 5.09
CA GLU B 299 -11.70 -16.31 4.97
C GLU B 299 -12.32 -17.70 4.98
N LEU B 300 -11.50 -18.70 4.68
CA LEU B 300 -11.98 -20.08 4.67
C LEU B 300 -11.83 -20.60 6.09
N SER B 301 -11.92 -21.92 6.27
CA SER B 301 -11.83 -22.53 7.59
C SER B 301 -10.55 -22.28 8.38
N VAL B 302 -9.40 -22.39 7.73
CA VAL B 302 -8.13 -22.18 8.43
C VAL B 302 -8.05 -20.75 8.95
N GLY B 303 -8.39 -19.80 8.08
CA GLY B 303 -8.36 -18.39 8.47
C GLY B 303 -9.40 -18.06 9.53
N THR B 304 -10.57 -18.68 9.44
CA THR B 304 -11.63 -18.43 10.40
C THR B 304 -11.27 -19.01 11.77
N ALA B 305 -10.65 -20.18 11.78
CA ALA B 305 -10.26 -20.81 13.04
C ALA B 305 -9.30 -19.93 13.83
N ALA B 306 -8.42 -19.22 13.13
CA ALA B 306 -7.47 -18.34 13.80
C ALA B 306 -8.24 -17.36 14.68
N MET B 307 -9.30 -16.77 14.11
CA MET B 307 -10.11 -15.82 14.86
C MET B 307 -10.92 -16.46 15.96
N ALA B 308 -11.32 -17.72 15.76
CA ALA B 308 -12.10 -18.41 16.78
C ALA B 308 -11.25 -18.52 18.06
N HIS B 309 -9.99 -18.88 17.90
CA HIS B 309 -9.09 -18.99 19.05
C HIS B 309 -8.88 -17.61 19.67
N LEU B 310 -8.53 -16.65 18.82
CA LEU B 310 -8.28 -15.27 19.26
C LEU B 310 -9.49 -14.67 19.98
N GLY B 311 -10.63 -14.70 19.31
CA GLY B 311 -11.84 -14.14 19.88
C GLY B 311 -12.20 -14.68 21.25
N CYS B 312 -11.98 -15.97 21.47
CA CYS B 312 -12.31 -16.58 22.75
C CYS B 312 -11.30 -16.33 23.86
N SER B 313 -10.25 -15.58 23.55
CA SER B 313 -9.22 -15.27 24.54
C SER B 313 -9.25 -13.80 24.97
N LEU B 314 -10.01 -12.98 24.25
CA LEU B 314 -10.09 -11.55 24.56
C LEU B 314 -11.17 -11.18 25.54
N THR B 315 -10.88 -10.21 26.41
CA THR B 315 -11.84 -9.76 27.41
C THR B 315 -12.57 -8.51 26.96
N ASN B 316 -12.14 -7.89 25.87
CA ASN B 316 -12.83 -6.68 25.42
C ASN B 316 -13.65 -6.77 24.16
N ILE B 317 -14.27 -7.93 23.94
CA ILE B 317 -15.17 -8.10 22.81
C ILE B 317 -16.53 -8.10 23.51
N ASN B 318 -17.28 -7.03 23.30
CA ASN B 318 -18.60 -6.87 23.93
C ASN B 318 -19.71 -6.66 22.93
N HIS B 319 -19.44 -7.03 21.68
CA HIS B 319 -20.43 -6.89 20.62
C HIS B 319 -20.31 -8.08 19.69
N THR B 320 -21.24 -8.18 18.74
CA THR B 320 -21.26 -9.26 17.79
C THR B 320 -20.15 -9.09 16.75
N SER B 321 -19.49 -10.18 16.37
CA SER B 321 -18.40 -10.13 15.38
C SER B 321 -18.86 -10.54 13.98
N ASP B 322 -17.95 -10.48 13.00
CA ASP B 322 -18.30 -10.77 11.61
C ASP B 322 -17.85 -12.02 10.85
N PRO B 323 -16.83 -12.75 11.35
CA PRO B 323 -16.35 -13.93 10.63
C PRO B 323 -17.24 -15.14 10.31
N THR B 324 -17.97 -15.05 9.20
CA THR B 324 -18.82 -16.15 8.74
C THR B 324 -18.45 -16.49 7.29
N GLY B 325 -17.17 -16.30 6.98
CA GLY B 325 -16.67 -16.55 5.63
C GLY B 325 -17.07 -17.89 5.03
N PRO B 326 -16.87 -19.01 5.73
CA PRO B 326 -17.23 -20.33 5.21
C PRO B 326 -18.65 -20.45 4.65
N GLU B 327 -19.56 -19.67 5.20
CA GLU B 327 -20.96 -19.69 4.75
C GLU B 327 -21.15 -19.21 3.32
N LEU B 328 -20.19 -18.45 2.80
CA LEU B 328 -20.32 -17.92 1.44
C LEU B 328 -19.71 -18.80 0.35
N TYR B 329 -18.88 -19.77 0.75
CA TYR B 329 -18.21 -20.63 -0.21
C TYR B 329 -18.89 -21.99 -0.41
N VAL B 330 -18.69 -22.59 -1.59
CA VAL B 330 -19.27 -23.89 -1.91
C VAL B 330 -18.43 -25.03 -1.35
N GLY B 331 -17.23 -24.70 -0.88
CA GLY B 331 -16.35 -25.72 -0.33
C GLY B 331 -15.17 -25.16 0.43
N ASP B 332 -14.19 -26.02 0.71
CA ASP B 332 -13.01 -25.62 1.45
C ASP B 332 -11.94 -26.69 1.18
N VAL B 333 -10.81 -26.58 1.86
CA VAL B 333 -9.70 -27.52 1.64
C VAL B 333 -9.30 -28.22 2.93
N VAL B 334 -10.28 -28.42 3.82
CA VAL B 334 -10.03 -29.04 5.10
C VAL B 334 -10.87 -30.28 5.36
N LYS B 335 -10.42 -31.08 6.32
CA LYS B 335 -11.13 -32.31 6.68
C LYS B 335 -12.31 -31.99 7.58
N ASN B 336 -12.17 -30.93 8.38
CA ASN B 336 -13.22 -30.53 9.30
C ASN B 336 -13.54 -29.05 9.11
N ARG B 337 -14.51 -28.78 8.22
CA ARG B 337 -14.90 -27.42 7.89
C ARG B 337 -15.56 -26.67 9.05
N VAL B 338 -15.21 -25.40 9.20
CA VAL B 338 -15.77 -24.59 10.26
C VAL B 338 -17.26 -24.39 10.05
N THR B 339 -18.05 -24.65 11.09
CA THR B 339 -19.49 -24.50 11.01
C THR B 339 -19.96 -23.59 12.15
N TYR B 340 -21.22 -23.16 12.09
CA TYR B 340 -21.75 -22.28 13.12
C TYR B 340 -23.01 -22.87 13.76
N LYS B 341 -23.26 -22.54 15.02
CA LYS B 341 -24.44 -23.04 15.72
C LYS B 341 -25.13 -21.88 16.42
N ASP B 342 -26.38 -21.62 16.03
CA ASP B 342 -27.16 -20.54 16.64
C ASP B 342 -26.45 -19.19 16.54
N GLY B 343 -25.78 -18.95 15.42
CA GLY B 343 -25.09 -17.69 15.21
C GLY B 343 -23.81 -17.50 16.00
N TYR B 344 -23.22 -18.60 16.46
CA TYR B 344 -21.98 -18.54 17.23
C TYR B 344 -20.85 -19.30 16.57
N LEU B 345 -19.63 -18.78 16.73
CA LEU B 345 -18.42 -19.42 16.21
C LEU B 345 -17.71 -19.97 17.44
N TYR B 346 -17.55 -21.29 17.49
CA TYR B 346 -16.90 -21.93 18.62
C TYR B 346 -15.41 -22.09 18.45
N ALA B 347 -14.66 -21.92 19.53
CA ALA B 347 -13.21 -22.10 19.46
C ALA B 347 -13.01 -23.59 19.22
N PRO B 348 -12.01 -23.96 18.40
CA PRO B 348 -11.76 -25.37 18.12
C PRO B 348 -11.46 -26.18 19.38
N ASP B 349 -11.68 -27.49 19.30
CA ASP B 349 -11.44 -28.40 20.42
C ASP B 349 -10.10 -28.07 21.06
N ARG B 350 -10.14 -27.68 22.33
CA ARG B 350 -8.94 -27.31 23.08
C ARG B 350 -8.02 -28.51 23.31
N SER B 351 -8.55 -29.70 23.07
CA SER B 351 -7.80 -30.96 23.24
C SER B 351 -6.95 -31.26 22.02
N VAL B 352 -7.28 -30.63 20.89
CA VAL B 352 -6.55 -30.85 19.66
C VAL B 352 -5.42 -29.83 19.57
N LYS B 353 -4.18 -30.31 19.49
CA LYS B 353 -3.04 -29.40 19.41
C LYS B 353 -3.05 -28.61 18.12
N GLY B 354 -2.41 -27.44 18.14
CA GLY B 354 -2.35 -26.59 16.97
C GLY B 354 -3.64 -25.82 16.77
N LEU B 355 -3.91 -25.45 15.52
CA LEU B 355 -5.11 -24.69 15.15
C LEU B 355 -6.39 -25.54 15.29
N GLY B 356 -6.23 -26.85 15.26
CA GLY B 356 -7.39 -27.72 15.38
C GLY B 356 -8.08 -27.99 14.05
N ILE B 357 -7.44 -27.58 12.97
CA ILE B 357 -7.97 -27.78 11.61
C ILE B 357 -6.93 -28.56 10.82
N GLU B 358 -7.39 -29.51 10.01
CA GLU B 358 -6.49 -30.33 9.22
C GLU B 358 -6.78 -30.17 7.73
N LEU B 359 -5.73 -30.05 6.93
CA LEU B 359 -5.90 -29.90 5.50
C LEU B 359 -6.28 -31.23 4.86
N ASP B 360 -6.96 -31.16 3.72
CA ASP B 360 -7.37 -32.35 2.99
C ASP B 360 -6.72 -32.21 1.62
N GLU B 361 -5.71 -33.03 1.36
CA GLU B 361 -4.97 -32.96 0.11
C GLU B 361 -5.84 -33.12 -1.13
N SER B 362 -6.89 -33.93 -1.03
CA SER B 362 -7.77 -34.12 -2.18
C SER B 362 -8.49 -32.83 -2.54
N LEU B 363 -9.00 -32.13 -1.53
CA LEU B 363 -9.69 -30.88 -1.75
C LEU B 363 -8.71 -29.78 -2.13
N LEU B 364 -7.51 -29.86 -1.58
CA LEU B 364 -6.46 -28.89 -1.90
C LEU B 364 -6.20 -28.95 -3.39
N ALA B 365 -6.13 -30.17 -3.91
CA ALA B 365 -5.88 -30.38 -5.33
C ALA B 365 -7.09 -30.01 -6.17
N LYS B 366 -8.28 -30.32 -5.67
CA LYS B 366 -9.49 -30.00 -6.43
C LYS B 366 -9.64 -28.51 -6.70
N TYR B 367 -9.43 -27.72 -5.65
CA TYR B 367 -9.57 -26.27 -5.76
C TYR B 367 -8.30 -25.52 -6.13
N GLN B 368 -7.27 -26.25 -6.54
CA GLN B 368 -6.01 -25.63 -6.91
C GLN B 368 -6.13 -24.75 -8.15
N VAL B 369 -5.45 -23.61 -8.11
CA VAL B 369 -5.41 -22.68 -9.23
C VAL B 369 -3.93 -22.46 -9.52
N PRO B 370 -3.55 -22.28 -10.80
CA PRO B 370 -2.15 -22.08 -11.15
C PRO B 370 -1.46 -20.83 -10.59
N ASP B 371 -2.24 -19.78 -10.37
CA ASP B 371 -1.67 -18.53 -9.86
C ASP B 371 -2.77 -17.64 -9.30
N LEU B 372 -2.40 -16.43 -8.90
CA LEU B 372 -3.38 -15.50 -8.33
C LEU B 372 -3.80 -14.43 -9.34
N SER B 373 -3.72 -14.76 -10.63
CA SER B 373 -4.09 -13.80 -11.66
C SER B 373 -5.57 -13.44 -11.67
N TRP B 374 -5.88 -12.26 -12.20
CA TRP B 374 -7.26 -11.78 -12.28
C TRP B 374 -7.97 -12.30 -13.53
N ASP B 375 -9.30 -12.27 -13.49
CA ASP B 375 -10.14 -12.72 -14.61
C ASP B 375 -11.04 -11.59 -15.09
MG MG C . 13.92 12.21 -0.14
MG MG D . 14.11 4.13 -6.56
MG MG E . -16.77 -3.39 7.85
MG MG F . -12.38 -10.26 1.23
#